data_5NC9
#
_entry.id   5NC9
#
_cell.length_a   49.767
_cell.length_b   117.835
_cell.length_c   99.059
_cell.angle_alpha   90.00
_cell.angle_beta   102.38
_cell.angle_gamma   90.00
#
_symmetry.space_group_name_H-M   'P 1 21 1'
#
loop_
_entity.id
_entity.type
_entity.pdbx_description
1 polymer 'Peptidoglycan N-acetylglucosamine deacetylase'
2 non-polymer (2~{S})-2,6-bis(azanyl)-~{N}-oxidanyl-hexanamide
3 non-polymer 'ZINC ION'
4 non-polymer 'CITRIC ACID'
5 non-polymer 1,2-ETHANEDIOL
6 non-polymer 'TRIETHYLENE GLYCOL'
7 water water
#
_entity_poly.entity_id   1
_entity_poly.type   'polypeptide(L)'
_entity_poly.pdbx_seq_one_letter_code
;FQSITSPAKAVAKQENVVQLASEQPKVEMNKTAPSRFNGKERKVAYLTFDDGPGKYTAELLNTLKQHDAKATFFLIGANV
KEFPDLVKRENAEGHYVGMHSMTHNFAKLYKNGEYVNEMKEDQGLIANIIGKSPKLTRPPYGSMPGLNEGLRNKVVEGGF
KVWDWTIDSLDWRYNKMPVDAAAAQIAQNVLTNATKPQEVILMHDIHPQSVAAVPAILKGLKEKGYEFEAYHEESHFPVN
FWHDNRM
;
_entity_poly.pdbx_strand_id   A,B,C,D
#
# COMPACT_ATOMS: atom_id res chain seq x y z
N ARG A 42 16.97 16.60 30.19
CA ARG A 42 18.35 16.55 29.73
C ARG A 42 18.55 15.33 28.83
N LYS A 43 19.81 14.96 28.63
CA LYS A 43 20.14 13.86 27.75
C LYS A 43 20.33 12.57 28.52
N VAL A 44 19.66 11.51 28.07
CA VAL A 44 19.77 10.20 28.70
C VAL A 44 20.10 9.16 27.62
N ALA A 45 21.08 8.31 27.90
CA ALA A 45 21.44 7.24 26.96
C ALA A 45 21.10 5.87 27.53
N TYR A 46 20.31 5.11 26.79
CA TYR A 46 19.93 3.78 27.22
C TYR A 46 20.71 2.75 26.43
N LEU A 47 21.87 2.38 26.95
CA LEU A 47 22.64 1.27 26.39
C LEU A 47 21.84 -0.01 26.58
N THR A 48 21.64 -0.72 25.48
CA THR A 48 20.94 -2.00 25.53
C THR A 48 21.85 -3.07 24.93
N PHE A 49 21.88 -4.24 25.55
CA PHE A 49 22.75 -5.30 25.10
C PHE A 49 21.91 -6.55 24.92
N ASP A 50 22.07 -7.17 23.77
CA ASP A 50 21.23 -8.27 23.33
C ASP A 50 21.93 -9.63 23.25
N ASP A 51 21.11 -10.67 23.29
CA ASP A 51 21.49 -12.05 23.02
C ASP A 51 22.30 -12.69 24.14
N GLY A 52 22.45 -11.98 25.25
CA GLY A 52 23.20 -12.50 26.38
C GLY A 52 22.43 -13.35 27.38
N PRO A 53 23.04 -13.63 28.53
CA PRO A 53 24.43 -13.27 28.85
C PRO A 53 25.46 -14.13 28.10
N GLY A 54 26.69 -13.66 28.09
CA GLY A 54 27.75 -14.35 27.41
C GLY A 54 29.04 -14.23 28.18
N LYS A 55 30.15 -14.62 27.56
CA LYS A 55 31.42 -14.77 28.26
C LYS A 55 32.18 -13.44 28.42
N TYR A 56 31.65 -12.38 27.85
CA TYR A 56 32.22 -11.04 28.04
C TYR A 56 31.30 -10.18 28.86
N THR A 57 30.21 -10.79 29.32
CA THR A 57 29.18 -10.05 30.06
C THR A 57 29.74 -9.56 31.40
N ALA A 58 30.50 -10.41 32.07
CA ALA A 58 31.07 -10.03 33.36
C ALA A 58 32.09 -8.91 33.19
N GLU A 59 32.86 -8.98 32.10
CA GLU A 59 33.84 -7.95 31.82
C GLU A 59 33.12 -6.63 31.53
N LEU A 60 32.00 -6.68 30.82
CA LEU A 60 31.15 -5.51 30.57
C LEU A 60 30.53 -4.98 31.88
N LEU A 61 30.01 -5.87 32.70
CA LEU A 61 29.38 -5.44 33.95
C LEU A 61 30.40 -4.71 34.84
N ASN A 62 31.66 -5.14 34.78
CA ASN A 62 32.74 -4.45 35.49
C ASN A 62 33.04 -3.09 34.87
N THR A 63 33.16 -3.06 33.54
CA THR A 63 33.38 -1.82 32.80
C THR A 63 32.26 -0.82 33.08
N LEU A 64 31.03 -1.32 33.15
CA LEU A 64 29.88 -0.48 33.49
C LEU A 64 29.95 0.03 34.94
N LYS A 65 30.08 -0.89 35.91
CA LYS A 65 30.10 -0.50 37.32
C LYS A 65 31.12 0.57 37.63
N GLN A 66 32.33 0.40 37.09
CA GLN A 66 33.40 1.33 37.40
C GLN A 66 33.23 2.66 36.68
N HIS A 67 32.31 2.73 35.73
CA HIS A 67 31.98 4.01 35.13
C HIS A 67 30.67 4.57 35.68
N ASP A 68 30.21 3.96 36.78
CA ASP A 68 28.93 4.25 37.43
C ASP A 68 27.86 4.42 36.36
N ALA A 69 27.57 3.32 35.68
CA ALA A 69 26.73 3.36 34.49
C ALA A 69 25.68 2.25 34.48
N LYS A 70 24.46 2.63 34.14
CA LYS A 70 23.33 1.72 34.13
C LYS A 70 22.89 1.38 32.70
N ALA A 71 22.48 0.13 32.49
CA ALA A 71 22.15 -0.35 31.17
C ALA A 71 20.96 -1.32 31.17
N THR A 72 20.66 -1.86 30.01
CA THR A 72 19.56 -2.79 29.86
C THR A 72 20.03 -4.01 29.10
N PHE A 73 19.62 -5.19 29.54
CA PHE A 73 20.02 -6.42 28.87
C PHE A 73 18.78 -7.20 28.47
N PHE A 74 18.74 -7.59 27.20
CA PHE A 74 17.64 -8.40 26.73
C PHE A 74 18.21 -9.78 26.48
N LEU A 75 17.72 -10.75 27.25
CA LEU A 75 18.40 -12.03 27.38
C LEU A 75 17.65 -13.12 26.66
N ILE A 76 18.41 -14.09 26.14
CA ILE A 76 17.83 -15.25 25.51
C ILE A 76 17.65 -16.35 26.56
N GLY A 77 16.55 -17.07 26.47
CA GLY A 77 16.20 -18.04 27.51
C GLY A 77 17.27 -19.07 27.84
N ALA A 78 17.94 -19.55 26.79
CA ALA A 78 18.98 -20.56 26.94
C ALA A 78 20.20 -20.02 27.65
N ASN A 79 20.46 -18.73 27.44
CA ASN A 79 21.61 -18.08 28.09
C ASN A 79 21.30 -17.69 29.51
N VAL A 80 20.01 -17.49 29.80
CA VAL A 80 19.52 -17.30 31.15
C VAL A 80 19.68 -18.60 31.91
N LYS A 81 19.40 -19.71 31.25
CA LYS A 81 19.56 -21.04 31.86
C LYS A 81 21.01 -21.37 32.19
N GLU A 82 21.93 -20.93 31.34
CA GLU A 82 23.30 -21.35 31.48
C GLU A 82 24.11 -20.37 32.32
N PHE A 83 23.65 -19.13 32.40
CA PHE A 83 24.35 -18.11 33.19
C PHE A 83 23.49 -17.48 34.29
N PRO A 84 22.92 -18.29 35.20
CA PRO A 84 22.06 -17.70 36.23
C PRO A 84 22.74 -16.62 37.07
N ASP A 85 24.03 -16.77 37.33
CA ASP A 85 24.82 -15.79 38.07
C ASP A 85 24.85 -14.43 37.42
N LEU A 86 25.15 -14.42 36.13
CA LEU A 86 25.23 -13.19 35.38
C LEU A 86 23.87 -12.49 35.37
N VAL A 87 22.81 -13.28 35.16
CA VAL A 87 21.44 -12.80 35.21
C VAL A 87 21.15 -12.14 36.55
N LYS A 88 21.53 -12.85 37.61
CA LYS A 88 21.35 -12.36 38.96
C LYS A 88 22.20 -11.12 39.21
N ARG A 89 23.40 -11.14 38.66
CA ARG A 89 24.32 -10.03 38.86
C ARG A 89 23.86 -8.74 38.21
N GLU A 90 23.40 -8.84 36.96
CA GLU A 90 22.86 -7.69 36.20
C GLU A 90 21.77 -6.97 36.97
N ASN A 91 20.77 -7.70 37.43
CA ASN A 91 19.76 -7.08 38.28
C ASN A 91 20.35 -6.56 39.59
N ALA A 92 21.19 -7.38 40.24
CA ALA A 92 21.77 -7.02 41.54
C ALA A 92 22.57 -5.73 41.46
N GLU A 93 23.12 -5.47 40.29
CA GLU A 93 23.92 -4.27 40.13
C GLU A 93 23.12 -3.16 39.47
N GLY A 94 21.79 -3.28 39.48
CA GLY A 94 20.89 -2.20 39.12
C GLY A 94 20.55 -1.95 37.65
N HIS A 95 20.89 -2.87 36.77
CA HIS A 95 20.54 -2.73 35.36
C HIS A 95 19.18 -3.37 35.14
N TYR A 96 18.50 -2.99 34.06
CA TYR A 96 17.25 -3.64 33.70
C TYR A 96 17.50 -4.94 32.96
N VAL A 97 16.69 -5.94 33.26
CA VAL A 97 16.82 -7.26 32.64
C VAL A 97 15.51 -7.63 31.95
N GLY A 98 15.50 -7.53 30.60
CA GLY A 98 14.34 -7.82 29.80
C GLY A 98 14.47 -9.07 28.95
N MET A 99 13.43 -9.38 28.17
CA MET A 99 13.45 -10.60 27.36
C MET A 99 13.83 -10.35 25.89
N HIS A 100 14.34 -11.39 25.24
CA HIS A 100 14.77 -11.36 23.88
C HIS A 100 14.42 -12.73 23.28
N SER A 101 13.47 -13.39 23.92
CA SER A 101 12.83 -14.66 23.49
C SER A 101 13.64 -15.92 23.80
N MET A 102 13.07 -17.05 23.40
CA MET A 102 13.64 -18.37 23.61
C MET A 102 14.45 -18.87 22.38
N THR A 103 13.87 -18.81 21.18
CA THR A 103 14.56 -19.40 20.03
C THR A 103 15.35 -18.41 19.18
N HIS A 104 15.03 -17.13 19.29
CA HIS A 104 15.61 -16.11 18.40
C HIS A 104 15.42 -16.56 16.94
N ASN A 105 14.31 -17.26 16.71
CA ASN A 105 13.98 -17.81 15.39
C ASN A 105 12.88 -16.97 14.77
N PHE A 106 13.18 -16.38 13.62
CA PHE A 106 12.30 -15.41 12.97
C PHE A 106 10.95 -16.01 12.63
N ALA A 107 10.97 -17.23 12.07
CA ALA A 107 9.77 -17.90 11.56
C ALA A 107 8.83 -18.34 12.69
N LYS A 108 9.44 -18.82 13.77
CA LYS A 108 8.70 -19.23 14.95
C LYS A 108 8.06 -18.02 15.61
N LEU A 109 8.85 -16.98 15.82
CA LEU A 109 8.38 -15.81 16.55
C LEU A 109 7.23 -15.13 15.86
N TYR A 110 7.42 -14.80 14.58
CA TYR A 110 6.50 -13.93 13.87
C TYR A 110 5.57 -14.67 12.90
N LYS A 111 6.12 -15.57 12.11
CA LYS A 111 5.32 -16.26 11.11
C LYS A 111 4.40 -17.28 11.77
N ASN A 112 4.91 -18.02 12.76
CA ASN A 112 4.04 -18.96 13.49
C ASN A 112 3.39 -18.35 14.71
N GLY A 113 3.67 -17.08 14.98
CA GLY A 113 2.98 -16.32 15.99
C GLY A 113 3.33 -16.74 17.42
N GLU A 114 4.55 -17.23 17.60
CA GLU A 114 4.97 -17.75 18.89
C GLU A 114 5.64 -16.69 19.75
N TYR A 115 5.70 -15.47 19.24
CA TYR A 115 6.38 -14.39 19.93
C TYR A 115 6.04 -14.23 21.43
N VAL A 116 4.75 -14.05 21.73
CA VAL A 116 4.33 -13.72 23.08
C VAL A 116 4.58 -14.91 24.02
N ASN A 117 4.29 -16.11 23.53
CA ASN A 117 4.58 -17.33 24.23
C ASN A 117 6.03 -17.44 24.64
N GLU A 118 6.92 -17.12 23.73
CA GLU A 118 8.34 -17.17 24.02
C GLU A 118 8.79 -16.08 24.99
N MET A 119 8.16 -14.92 24.94
CA MET A 119 8.52 -13.85 25.86
C MET A 119 8.02 -14.16 27.27
N LYS A 120 6.95 -14.94 27.34
CA LYS A 120 6.38 -15.28 28.62
C LYS A 120 7.22 -16.41 29.24
N GLU A 121 7.60 -17.39 28.43
CA GLU A 121 8.47 -18.46 28.89
C GLU A 121 9.85 -17.94 29.32
N ASP A 122 10.35 -16.94 28.60
CA ASP A 122 11.61 -16.30 28.98
C ASP A 122 11.42 -15.49 30.26
N GLN A 123 10.27 -14.85 30.38
CA GLN A 123 9.94 -14.03 31.54
C GLN A 123 9.94 -14.86 32.83
N GLY A 124 9.45 -16.09 32.72
CA GLY A 124 9.38 -17.01 33.83
C GLY A 124 10.78 -17.34 34.28
N LEU A 125 11.62 -17.73 33.34
CA LEU A 125 13.00 -18.07 33.65
C LEU A 125 13.69 -16.93 34.40
N ILE A 126 13.56 -15.71 33.88
CA ILE A 126 14.22 -14.57 34.52
C ILE A 126 13.62 -14.28 35.91
N ALA A 127 12.32 -14.46 36.06
CA ALA A 127 11.66 -14.14 37.32
C ALA A 127 12.11 -15.09 38.44
N ASN A 128 12.29 -16.36 38.10
CA ASN A 128 12.89 -17.35 38.98
C ASN A 128 14.28 -16.98 39.50
N ILE A 129 14.94 -16.02 38.87
CA ILE A 129 16.24 -15.62 39.35
C ILE A 129 16.21 -14.28 40.10
N ILE A 130 15.51 -13.30 39.55
CA ILE A 130 15.58 -11.94 40.08
C ILE A 130 14.33 -11.56 40.88
N GLY A 131 13.36 -12.47 40.88
CA GLY A 131 12.20 -12.38 41.74
C GLY A 131 11.15 -11.36 41.36
N LYS A 132 11.21 -10.91 40.11
CA LYS A 132 10.14 -10.09 39.52
C LYS A 132 9.97 -10.48 38.06
N SER A 133 8.78 -10.28 37.52
CA SER A 133 8.51 -10.64 36.14
C SER A 133 8.53 -9.40 35.25
N PRO A 134 9.66 -9.22 34.52
CA PRO A 134 9.89 -8.03 33.69
C PRO A 134 8.85 -7.90 32.58
N LYS A 135 8.61 -6.68 32.12
CA LYS A 135 7.58 -6.44 31.13
C LYS A 135 8.16 -6.09 29.75
N LEU A 136 9.37 -5.54 29.73
CA LEU A 136 9.96 -5.06 28.50
C LEU A 136 10.62 -6.17 27.71
N THR A 137 10.20 -6.28 26.44
CA THR A 137 10.79 -7.22 25.51
C THR A 137 11.50 -6.49 24.38
N ARG A 138 12.52 -7.14 23.83
CA ARG A 138 13.23 -6.58 22.68
C ARG A 138 13.16 -7.62 21.60
N PRO A 139 12.48 -7.24 20.51
CA PRO A 139 12.24 -8.16 19.40
C PRO A 139 13.54 -8.54 18.71
N PRO A 140 13.79 -9.84 18.58
CA PRO A 140 14.85 -10.32 17.70
C PRO A 140 14.54 -9.81 16.30
N TYR A 141 15.54 -9.23 15.66
CA TYR A 141 15.43 -8.72 14.29
C TYR A 141 14.53 -7.49 14.18
N GLY A 142 14.28 -6.83 15.31
CA GLY A 142 13.39 -5.68 15.39
C GLY A 142 11.94 -6.08 15.26
N SER A 143 11.01 -5.15 15.52
CA SER A 143 9.57 -5.45 15.38
C SER A 143 9.04 -5.31 13.94
N MET A 144 9.82 -4.62 13.09
CA MET A 144 9.41 -4.37 11.72
C MET A 144 10.12 -5.30 10.74
N PRO A 145 9.36 -6.04 9.92
CA PRO A 145 7.88 -6.07 9.82
C PRO A 145 7.28 -7.21 10.65
N GLY A 146 8.14 -7.90 11.39
CA GLY A 146 7.78 -9.12 12.10
C GLY A 146 6.61 -9.00 13.05
N LEU A 147 6.51 -7.89 13.76
CA LEU A 147 5.43 -7.80 14.76
C LEU A 147 4.19 -7.24 14.13
N ASN A 148 3.37 -8.10 13.54
CA ASN A 148 2.19 -7.61 12.83
C ASN A 148 1.10 -7.15 13.78
N GLU A 149 0.02 -6.62 13.25
CA GLU A 149 -1.03 -5.98 14.05
C GLU A 149 -1.68 -6.95 15.02
N GLY A 150 -1.83 -8.20 14.62
CA GLY A 150 -2.37 -9.21 15.49
C GLY A 150 -1.46 -9.42 16.70
N LEU A 151 -0.18 -9.65 16.44
CA LEU A 151 0.80 -9.87 17.51
C LEU A 151 1.03 -8.65 18.37
N ARG A 152 0.95 -7.46 17.79
CA ARG A 152 1.05 -6.27 18.60
C ARG A 152 -0.10 -6.17 19.59
N ASN A 153 -1.26 -6.75 19.26
CA ASN A 153 -2.39 -6.83 20.20
C ASN A 153 -2.11 -7.80 21.37
N LYS A 154 -1.60 -8.98 21.04
CA LYS A 154 -1.28 -9.99 22.04
C LYS A 154 -0.22 -9.51 23.06
N VAL A 155 0.79 -8.80 22.57
CA VAL A 155 1.78 -8.14 23.41
C VAL A 155 1.11 -7.13 24.29
N VAL A 156 0.15 -6.40 23.74
CA VAL A 156 -0.56 -5.40 24.53
C VAL A 156 -1.41 -6.11 25.59
N GLU A 157 -2.02 -7.23 25.22
CA GLU A 157 -2.92 -7.99 26.07
C GLU A 157 -2.20 -8.86 27.11
N GLY A 158 -0.95 -9.19 26.84
CA GLY A 158 -0.15 -9.99 27.75
C GLY A 158 0.54 -9.10 28.75
N GLY A 159 0.43 -7.79 28.56
CA GLY A 159 1.04 -6.84 29.47
C GLY A 159 2.45 -6.41 29.12
N PHE A 160 2.92 -6.84 27.95
CA PHE A 160 4.29 -6.55 27.55
C PHE A 160 4.46 -5.22 26.85
N LYS A 161 5.63 -4.63 27.03
CA LYS A 161 6.08 -3.53 26.20
C LYS A 161 7.10 -4.06 25.19
N VAL A 162 7.40 -3.26 24.17
CA VAL A 162 8.33 -3.63 23.11
C VAL A 162 9.30 -2.48 22.87
N TRP A 163 10.59 -2.72 23.00
CA TRP A 163 11.53 -1.70 22.57
C TRP A 163 12.41 -2.10 21.39
N ASP A 164 12.45 -1.22 20.40
CA ASP A 164 13.47 -1.31 19.37
C ASP A 164 14.59 -0.37 19.83
N TRP A 165 15.25 0.28 18.87
CA TRP A 165 16.38 1.17 19.18
C TRP A 165 16.38 2.39 18.27
N THR A 166 17.18 3.39 18.62
CA THR A 166 17.35 4.55 17.75
C THR A 166 18.75 4.58 17.15
N ILE A 167 19.64 3.73 17.65
CA ILE A 167 20.98 3.63 17.09
C ILE A 167 21.44 2.19 16.94
N ASP A 168 21.83 1.82 15.73
CA ASP A 168 22.42 0.50 15.53
C ASP A 168 23.94 0.63 15.48
N SER A 169 24.58 0.15 16.55
CA SER A 169 26.04 0.18 16.69
C SER A 169 26.77 -0.53 15.55
N LEU A 170 26.02 -1.37 14.81
CA LEU A 170 26.52 -2.16 13.69
C LEU A 170 27.66 -3.10 14.12
N ASP A 171 27.63 -3.50 15.38
CA ASP A 171 28.75 -4.23 15.98
C ASP A 171 29.01 -5.61 15.33
N TRP A 172 27.98 -6.21 14.75
CA TRP A 172 28.09 -7.55 14.16
C TRP A 172 28.97 -7.60 12.91
N ARG A 173 29.25 -6.43 12.32
CA ARG A 173 30.01 -6.36 11.07
C ARG A 173 31.45 -6.73 11.32
N TYR A 174 31.93 -6.42 12.51
CA TYR A 174 33.36 -6.49 12.78
C TYR A 174 33.74 -7.76 13.52
N ASN A 175 32.99 -8.83 13.24
CA ASN A 175 33.12 -10.08 13.98
C ASN A 175 34.32 -10.86 13.51
N LYS A 176 34.98 -11.53 14.46
CA LYS A 176 36.15 -12.34 14.17
C LYS A 176 37.28 -11.50 13.57
N MET A 177 37.26 -10.20 13.85
CA MET A 177 38.27 -9.25 13.35
C MET A 177 39.05 -8.76 14.58
N PRO A 178 40.24 -8.15 14.36
CA PRO A 178 40.98 -7.57 15.50
C PRO A 178 40.08 -6.74 16.40
N VAL A 179 40.07 -7.09 17.68
CA VAL A 179 39.09 -6.52 18.59
C VAL A 179 39.31 -5.02 18.72
N ASP A 180 40.57 -4.61 18.67
CA ASP A 180 40.88 -3.22 18.98
C ASP A 180 40.42 -2.23 17.93
N ALA A 181 40.72 -2.52 16.67
CA ALA A 181 40.26 -1.69 15.59
C ALA A 181 38.73 -1.73 15.51
N ALA A 182 38.19 -2.94 15.56
CA ALA A 182 36.74 -3.15 15.50
C ALA A 182 36.02 -2.30 16.55
N ALA A 183 36.49 -2.35 17.79
CA ALA A 183 35.83 -1.63 18.89
C ALA A 183 35.84 -0.11 18.69
N ALA A 184 36.93 0.42 18.15
CA ALA A 184 37.04 1.87 17.97
C ALA A 184 36.02 2.37 16.95
N GLN A 185 35.82 1.58 15.89
CA GLN A 185 34.88 1.91 14.84
C GLN A 185 33.45 1.84 15.36
N ILE A 186 33.16 0.78 16.12
CA ILE A 186 31.87 0.62 16.74
C ILE A 186 31.56 1.76 17.68
N ALA A 187 32.57 2.19 18.43
CA ALA A 187 32.40 3.29 19.35
C ALA A 187 31.95 4.53 18.60
N GLN A 188 32.64 4.84 17.52
CA GLN A 188 32.36 6.07 16.80
C GLN A 188 31.02 5.95 16.06
N ASN A 189 30.72 4.73 15.58
CA ASN A 189 29.43 4.44 14.95
C ASN A 189 28.28 5.01 15.77
N VAL A 190 28.30 4.74 17.08
CA VAL A 190 27.22 5.24 17.92
C VAL A 190 27.40 6.74 18.15
N LEU A 191 28.65 7.17 18.29
CA LEU A 191 28.93 8.56 18.60
C LEU A 191 28.46 9.48 17.48
N THR A 192 28.70 9.08 16.24
CA THR A 192 28.33 9.92 15.09
C THR A 192 26.82 9.92 14.86
N ASN A 193 26.12 8.99 15.49
CA ASN A 193 24.67 8.87 15.31
C ASN A 193 23.89 9.35 16.52
N ALA A 194 24.60 9.79 17.56
CA ALA A 194 23.98 10.32 18.77
C ALA A 194 23.69 11.82 18.69
N THR A 195 22.40 12.16 18.56
CA THR A 195 22.00 13.57 18.37
C THR A 195 20.79 13.99 19.22
N LYS A 196 19.94 13.03 19.55
CA LYS A 196 18.66 13.35 20.19
C LYS A 196 18.73 13.15 21.69
N PRO A 197 17.92 13.91 22.45
CA PRO A 197 17.94 13.88 23.93
C PRO A 197 17.81 12.48 24.51
N GLN A 198 16.99 11.65 23.87
CA GLN A 198 16.86 10.26 24.27
C GLN A 198 17.47 9.39 23.17
N GLU A 199 18.27 8.39 23.54
CA GLU A 199 18.83 7.47 22.55
C GLU A 199 18.87 6.06 23.09
N VAL A 200 18.43 5.10 22.28
CA VAL A 200 18.51 3.70 22.65
C VAL A 200 19.51 2.99 21.75
N ILE A 201 20.68 2.71 22.29
CA ILE A 201 21.74 2.11 21.49
C ILE A 201 21.66 0.59 21.49
N LEU A 202 21.79 0.00 20.30
CA LEU A 202 21.71 -1.45 20.14
C LEU A 202 23.11 -2.01 20.15
N MET A 203 23.42 -2.81 21.17
CA MET A 203 24.70 -3.51 21.22
C MET A 203 24.50 -4.97 21.59
N HIS A 204 25.61 -5.72 21.62
CA HIS A 204 25.58 -7.16 21.82
C HIS A 204 26.76 -7.56 22.72
N ASP A 205 26.49 -7.96 23.96
CA ASP A 205 27.58 -8.28 24.88
C ASP A 205 28.10 -9.71 24.71
N ILE A 206 27.66 -10.37 23.65
CA ILE A 206 28.17 -11.70 23.34
C ILE A 206 29.29 -11.60 22.32
N HIS A 207 29.68 -10.37 21.97
CA HIS A 207 30.79 -10.09 21.05
C HIS A 207 31.89 -9.33 21.75
N PRO A 208 33.14 -9.78 21.62
CA PRO A 208 34.28 -9.08 22.21
C PRO A 208 34.47 -7.65 21.70
N GLN A 209 34.30 -7.43 20.39
CA GLN A 209 34.56 -6.11 19.81
C GLN A 209 33.54 -5.07 20.24
N SER A 210 32.35 -5.53 20.59
CA SER A 210 31.29 -4.66 21.09
C SER A 210 31.59 -4.16 22.49
N VAL A 211 31.92 -5.10 23.38
CA VAL A 211 32.22 -4.82 24.78
C VAL A 211 33.47 -3.94 24.91
N ALA A 212 34.42 -4.14 24.02
CA ALA A 212 35.64 -3.33 24.01
C ALA A 212 35.36 -1.91 23.55
N ALA A 213 34.28 -1.76 22.79
CA ALA A 213 33.89 -0.46 22.23
C ALA A 213 33.27 0.40 23.30
N VAL A 214 32.68 -0.26 24.29
CA VAL A 214 31.85 0.37 25.31
C VAL A 214 32.60 1.44 26.10
N PRO A 215 33.85 1.17 26.54
CA PRO A 215 34.54 2.24 27.28
C PRO A 215 34.57 3.59 26.54
N ALA A 216 34.93 3.55 25.25
CA ALA A 216 35.02 4.77 24.44
C ALA A 216 33.66 5.43 24.21
N ILE A 217 32.63 4.62 24.06
CA ILE A 217 31.26 5.14 23.92
C ILE A 217 30.90 5.91 25.19
N LEU A 218 31.22 5.31 26.33
CA LEU A 218 30.88 5.83 27.65
C LEU A 218 31.44 7.24 27.87
N LYS A 219 32.51 7.59 27.16
CA LYS A 219 33.12 8.92 27.29
C LYS A 219 32.72 9.92 26.22
N GLY A 220 32.33 9.44 25.03
CA GLY A 220 31.78 10.32 24.03
C GLY A 220 30.42 10.85 24.42
N LEU A 221 29.60 9.95 24.95
CA LEU A 221 28.25 10.29 25.35
C LEU A 221 28.29 11.13 26.61
N LYS A 222 29.22 10.82 27.51
CA LYS A 222 29.35 11.55 28.77
C LYS A 222 29.74 13.00 28.52
N GLU A 223 30.50 13.24 27.47
CA GLU A 223 30.91 14.60 27.12
C GLU A 223 29.77 15.36 26.45
N LYS A 224 28.96 14.66 25.68
CA LYS A 224 27.82 15.31 25.02
C LYS A 224 26.71 15.66 26.00
N GLY A 225 26.88 15.28 27.25
CA GLY A 225 25.92 15.62 28.28
C GLY A 225 24.93 14.50 28.54
N TYR A 226 25.17 13.36 27.91
CA TYR A 226 24.26 12.22 28.08
C TYR A 226 24.49 11.60 29.45
N GLU A 227 23.43 11.05 30.03
CA GLU A 227 23.55 10.25 31.23
C GLU A 227 23.13 8.83 30.90
N PHE A 228 23.67 7.85 31.60
CA PHE A 228 23.40 6.46 31.25
C PHE A 228 22.48 5.78 32.25
N GLU A 229 21.18 5.90 32.04
CA GLU A 229 20.24 5.30 32.96
C GLU A 229 19.79 3.96 32.36
N ALA A 230 19.35 3.05 33.21
CA ALA A 230 18.67 1.86 32.72
C ALA A 230 17.18 2.12 32.49
N TYR A 231 16.57 1.34 31.62
CA TYR A 231 15.12 1.38 31.45
C TYR A 231 14.43 1.00 32.74
N HIS A 232 13.46 1.82 33.17
CA HIS A 232 12.59 1.41 34.27
C HIS A 232 11.11 1.52 33.89
N GLU A 233 10.37 0.48 34.26
CA GLU A 233 9.01 0.21 33.79
C GLU A 233 8.02 1.31 34.06
N GLU A 234 8.14 1.98 35.19
CA GLU A 234 7.20 3.04 35.53
C GLU A 234 7.48 4.31 34.74
N SER A 235 8.64 4.38 34.09
CA SER A 235 8.91 5.51 33.23
C SER A 235 8.90 5.15 31.73
N HIS A 236 8.18 4.09 31.37
CA HIS A 236 8.14 3.64 29.97
C HIS A 236 7.64 4.73 29.04
N PHE A 237 8.36 4.88 27.93
CA PHE A 237 7.89 5.69 26.82
C PHE A 237 8.14 4.90 25.55
N PRO A 238 7.30 5.09 24.53
CA PRO A 238 7.34 4.29 23.29
C PRO A 238 8.61 4.49 22.47
N VAL A 239 9.25 3.38 22.10
CA VAL A 239 10.35 3.36 21.14
C VAL A 239 10.21 2.10 20.29
N ASN A 240 9.37 2.15 19.26
CA ASN A 240 9.16 1.00 18.41
C ASN A 240 8.93 1.40 16.94
N PHE A 241 9.50 0.61 16.03
CA PHE A 241 9.48 0.91 14.59
C PHE A 241 8.09 1.12 14.02
N TRP A 242 7.10 0.53 14.67
CA TRP A 242 5.74 0.70 14.25
C TRP A 242 5.16 1.99 14.77
N HIS A 243 5.88 2.66 15.65
CA HIS A 243 5.32 3.82 16.37
C HIS A 243 3.99 3.46 17.06
N ASP A 244 3.85 2.21 17.48
CA ASP A 244 2.64 1.79 18.17
C ASP A 244 2.81 2.20 19.64
N ASN A 245 2.10 3.24 20.05
CA ASN A 245 2.37 3.85 21.33
C ASN A 245 1.63 3.17 22.46
N ARG A 246 1.13 1.96 22.19
CA ARG A 246 0.61 1.11 23.25
C ARG A 246 1.73 0.21 23.75
N MET A 247 2.84 0.20 23.04
CA MET A 247 3.98 -0.68 23.37
C MET A 247 5.20 0.05 23.90
N ARG B 42 -23.88 22.00 0.40
CA ARG B 42 -24.75 20.85 0.29
C ARG B 42 -23.95 19.56 0.48
N LYS B 43 -22.72 19.70 0.95
CA LYS B 43 -21.75 18.60 0.93
C LYS B 43 -21.84 17.66 2.15
N VAL B 44 -21.88 16.35 1.87
CA VAL B 44 -22.04 15.34 2.90
C VAL B 44 -21.09 14.19 2.68
N ALA B 45 -20.20 13.96 3.64
CA ALA B 45 -19.30 12.81 3.58
C ALA B 45 -19.92 11.65 4.34
N TYR B 46 -19.90 10.47 3.74
CA TYR B 46 -20.35 9.28 4.43
C TYR B 46 -19.17 8.36 4.66
N LEU B 47 -18.56 8.53 5.83
CA LEU B 47 -17.64 7.55 6.36
C LEU B 47 -18.34 6.24 6.54
N THR B 48 -17.79 5.17 5.97
CA THR B 48 -18.28 3.84 6.25
C THR B 48 -17.13 2.97 6.71
N PHE B 49 -17.42 2.10 7.66
CA PHE B 49 -16.42 1.23 8.23
C PHE B 49 -16.98 -0.16 8.14
N ASP B 50 -16.11 -1.10 7.75
CA ASP B 50 -16.45 -2.45 7.35
C ASP B 50 -15.73 -3.54 8.15
N ASP B 51 -16.37 -4.70 8.22
CA ASP B 51 -15.86 -5.93 8.87
C ASP B 51 -15.78 -5.85 10.41
N GLY B 52 -16.24 -4.76 11.01
CA GLY B 52 -16.26 -4.66 12.45
C GLY B 52 -17.40 -5.47 13.06
N PRO B 53 -17.67 -5.26 14.36
CA PRO B 53 -16.85 -4.39 15.21
C PRO B 53 -15.52 -5.03 15.60
N GLY B 54 -14.65 -4.27 16.26
CA GLY B 54 -13.39 -4.81 16.71
C GLY B 54 -12.63 -3.95 17.69
N LYS B 55 -11.42 -4.38 18.03
CA LYS B 55 -10.68 -3.87 19.19
C LYS B 55 -10.25 -2.41 19.09
N TYR B 56 -10.52 -1.76 17.96
CA TYR B 56 -10.18 -0.35 17.84
C TYR B 56 -11.42 0.48 17.66
N THR B 57 -12.57 -0.20 17.62
CA THR B 57 -13.85 0.45 17.31
C THR B 57 -14.27 1.47 18.36
N ALA B 58 -14.03 1.15 19.63
CA ALA B 58 -14.31 2.05 20.75
C ALA B 58 -13.52 3.35 20.68
N GLU B 59 -12.21 3.25 20.49
CA GLU B 59 -11.37 4.41 20.19
C GLU B 59 -11.87 5.23 18.99
N LEU B 60 -12.36 4.55 17.94
CA LEU B 60 -12.96 5.24 16.78
C LEU B 60 -14.31 5.86 17.15
N LEU B 61 -15.17 5.11 17.83
CA LEU B 61 -16.43 5.64 18.33
C LEU B 61 -16.22 6.89 19.19
N ASN B 62 -15.14 6.89 19.98
CA ASN B 62 -14.79 8.06 20.78
C ASN B 62 -14.33 9.25 19.97
N THR B 63 -13.51 9.00 18.95
CA THR B 63 -13.06 10.04 18.04
C THR B 63 -14.24 10.66 17.31
N LEU B 64 -15.17 9.80 16.87
CA LEU B 64 -16.37 10.27 16.20
C LEU B 64 -17.17 11.17 17.14
N LYS B 65 -17.39 10.72 18.37
CA LYS B 65 -18.09 11.49 19.39
C LYS B 65 -17.46 12.86 19.65
N GLN B 66 -16.15 12.90 19.91
CA GLN B 66 -15.44 14.18 20.16
C GLN B 66 -15.69 15.21 19.06
N HIS B 67 -15.83 14.72 17.82
CA HIS B 67 -16.05 15.60 16.68
C HIS B 67 -17.51 15.75 16.29
N ASP B 68 -18.41 15.14 17.07
CA ASP B 68 -19.84 15.10 16.75
C ASP B 68 -20.05 14.72 15.27
N ALA B 69 -19.51 13.56 14.91
CA ALA B 69 -19.55 13.08 13.54
C ALA B 69 -20.26 11.73 13.45
N LYS B 70 -21.19 11.62 12.51
CA LYS B 70 -21.95 10.39 12.35
C LYS B 70 -21.45 9.63 11.17
N ALA B 71 -21.68 8.32 11.18
CA ALA B 71 -21.08 7.40 10.23
C ALA B 71 -21.82 6.09 10.18
N THR B 72 -21.23 5.08 9.56
CA THR B 72 -21.97 3.91 9.14
C THR B 72 -21.12 2.70 9.26
N PHE B 73 -21.70 1.64 9.79
CA PHE B 73 -20.93 0.44 10.09
C PHE B 73 -21.58 -0.77 9.47
N PHE B 74 -20.75 -1.53 8.77
CA PHE B 74 -21.21 -2.72 8.09
C PHE B 74 -20.54 -3.87 8.73
N LEU B 75 -21.32 -4.70 9.38
CA LEU B 75 -20.73 -5.61 10.34
C LEU B 75 -20.74 -7.06 9.88
N ILE B 76 -19.71 -7.79 10.30
CA ILE B 76 -19.68 -9.23 10.07
C ILE B 76 -20.34 -9.91 11.28
N GLY B 77 -21.10 -10.97 11.01
CA GLY B 77 -21.94 -11.60 12.00
C GLY B 77 -21.19 -12.11 13.20
N ALA B 78 -19.99 -12.65 12.96
CA ALA B 78 -19.19 -13.24 14.02
C ALA B 78 -18.68 -12.17 14.98
N ASN B 79 -18.44 -10.98 14.45
CA ASN B 79 -18.04 -9.85 15.27
C ASN B 79 -19.25 -9.20 15.93
N VAL B 80 -20.41 -9.35 15.32
CA VAL B 80 -21.63 -8.94 15.97
C VAL B 80 -21.80 -9.73 17.25
N LYS B 81 -21.53 -11.04 17.18
CA LYS B 81 -21.70 -11.93 18.34
C LYS B 81 -20.58 -11.80 19.38
N GLU B 82 -19.40 -11.41 18.95
CA GLU B 82 -18.29 -11.29 19.88
C GLU B 82 -18.29 -9.94 20.57
N PHE B 83 -18.70 -8.88 19.88
CA PHE B 83 -18.67 -7.57 20.48
C PHE B 83 -20.07 -6.97 20.53
N PRO B 84 -21.05 -7.70 21.08
CA PRO B 84 -22.44 -7.23 20.99
C PRO B 84 -22.67 -5.84 21.62
N ASP B 85 -21.88 -5.49 22.64
CA ASP B 85 -22.03 -4.19 23.27
C ASP B 85 -21.49 -3.05 22.43
N LEU B 86 -20.45 -3.34 21.64
CA LEU B 86 -19.93 -2.38 20.64
C LEU B 86 -20.99 -2.01 19.58
N VAL B 87 -21.76 -3.00 19.15
CA VAL B 87 -22.86 -2.79 18.22
C VAL B 87 -23.89 -1.81 18.76
N LYS B 88 -24.43 -2.14 19.94
CA LYS B 88 -25.29 -1.27 20.74
C LYS B 88 -24.83 0.17 20.74
N ARG B 89 -23.61 0.37 21.22
CA ARG B 89 -23.03 1.70 21.32
C ARG B 89 -22.93 2.47 19.97
N GLU B 90 -22.62 1.76 18.87
CA GLU B 90 -22.58 2.39 17.55
C GLU B 90 -23.92 3.01 17.20
N ASN B 91 -24.95 2.19 17.26
CA ASN B 91 -26.31 2.64 17.06
C ASN B 91 -26.81 3.63 18.11
N ALA B 92 -26.28 3.51 19.33
CA ALA B 92 -26.67 4.42 20.40
C ALA B 92 -26.08 5.82 20.24
N GLU B 93 -24.96 5.94 19.54
CA GLU B 93 -24.34 7.26 19.37
C GLU B 93 -24.70 7.94 18.04
N GLY B 94 -25.66 7.38 17.31
CA GLY B 94 -26.13 8.03 16.10
C GLY B 94 -25.50 7.54 14.81
N HIS B 95 -25.08 6.29 14.79
CA HIS B 95 -24.48 5.77 13.57
C HIS B 95 -25.43 4.76 13.01
N TYR B 96 -25.34 4.57 11.69
CA TYR B 96 -26.08 3.53 11.01
C TYR B 96 -25.37 2.21 11.18
N VAL B 97 -26.16 1.17 11.39
CA VAL B 97 -25.63 -0.17 11.49
C VAL B 97 -26.28 -0.98 10.38
N GLY B 98 -25.47 -1.40 9.42
CA GLY B 98 -25.96 -2.28 8.37
C GLY B 98 -25.10 -3.51 8.36
N MET B 99 -25.39 -4.41 7.41
CA MET B 99 -24.75 -5.72 7.35
C MET B 99 -23.59 -5.80 6.32
N HIS B 100 -22.66 -6.74 6.56
CA HIS B 100 -21.51 -7.03 5.70
C HIS B 100 -21.26 -8.55 5.70
N SER B 101 -22.35 -9.30 5.93
CA SER B 101 -22.44 -10.78 5.81
C SER B 101 -22.03 -11.55 7.06
N MET B 102 -22.12 -12.87 6.93
CA MET B 102 -21.67 -13.79 7.94
C MET B 102 -20.26 -14.29 7.63
N THR B 103 -20.06 -14.91 6.46
CA THR B 103 -18.78 -15.52 6.08
C THR B 103 -17.74 -14.63 5.39
N HIS B 104 -18.15 -13.52 4.79
CA HIS B 104 -17.23 -12.68 3.97
C HIS B 104 -16.49 -13.53 2.92
N ASN B 105 -17.16 -14.59 2.45
CA ASN B 105 -16.58 -15.57 1.55
C ASN B 105 -17.16 -15.42 0.15
N PHE B 106 -16.35 -14.92 -0.79
CA PHE B 106 -16.81 -14.63 -2.16
C PHE B 106 -17.56 -15.80 -2.79
N ALA B 107 -16.94 -16.98 -2.76
CA ALA B 107 -17.52 -18.18 -3.32
C ALA B 107 -18.90 -18.46 -2.76
N LYS B 108 -19.05 -18.36 -1.45
CA LYS B 108 -20.34 -18.67 -0.81
C LYS B 108 -21.38 -17.59 -1.07
N LEU B 109 -20.93 -16.34 -1.06
CA LEU B 109 -21.83 -15.20 -1.22
C LEU B 109 -22.40 -15.09 -2.63
N TYR B 110 -21.55 -15.29 -3.64
CA TYR B 110 -21.92 -14.93 -5.02
C TYR B 110 -22.00 -16.11 -5.97
N LYS B 111 -20.96 -16.94 -6.02
CA LYS B 111 -20.96 -18.13 -6.87
C LYS B 111 -22.05 -19.12 -6.47
N ASN B 112 -22.30 -19.21 -5.16
CA ASN B 112 -23.33 -20.09 -4.61
C ASN B 112 -24.60 -19.34 -4.22
N GLY B 113 -24.52 -18.01 -4.21
CA GLY B 113 -25.69 -17.17 -4.01
C GLY B 113 -26.27 -17.23 -2.61
N GLU B 114 -25.39 -17.16 -1.60
CA GLU B 114 -25.84 -17.12 -0.22
C GLU B 114 -26.10 -15.69 0.22
N TYR B 115 -25.66 -14.74 -0.59
CA TYR B 115 -25.66 -13.33 -0.22
C TYR B 115 -26.86 -12.87 0.62
N VAL B 116 -28.05 -13.05 0.08
CA VAL B 116 -29.27 -12.51 0.68
C VAL B 116 -29.59 -13.22 2.00
N ASN B 117 -29.40 -14.54 2.00
CA ASN B 117 -29.41 -15.34 3.21
C ASN B 117 -28.49 -14.79 4.28
N GLU B 118 -27.24 -14.59 3.91
CA GLU B 118 -26.23 -14.19 4.88
C GLU B 118 -26.51 -12.81 5.42
N MET B 119 -27.11 -11.97 4.58
CA MET B 119 -27.38 -10.60 4.99
C MET B 119 -28.60 -10.56 5.90
N LYS B 120 -29.48 -11.55 5.70
CA LYS B 120 -30.67 -11.72 6.50
C LYS B 120 -30.30 -12.22 7.90
N GLU B 121 -29.50 -13.30 7.95
CA GLU B 121 -28.99 -13.85 9.20
C GLU B 121 -28.26 -12.79 9.99
N ASP B 122 -27.43 -12.04 9.30
CA ASP B 122 -26.70 -10.95 9.92
C ASP B 122 -27.67 -9.92 10.49
N GLN B 123 -28.65 -9.55 9.67
CA GLN B 123 -29.67 -8.61 10.06
C GLN B 123 -30.37 -9.02 11.36
N GLY B 124 -30.68 -10.31 11.48
CA GLY B 124 -31.35 -10.85 12.64
C GLY B 124 -30.53 -10.70 13.91
N LEU B 125 -29.24 -11.03 13.82
CA LEU B 125 -28.33 -10.83 14.92
C LEU B 125 -28.33 -9.39 15.38
N ILE B 126 -28.17 -8.47 14.45
CA ILE B 126 -28.15 -7.05 14.78
C ILE B 126 -29.47 -6.57 15.40
N ALA B 127 -30.58 -7.11 14.92
CA ALA B 127 -31.91 -6.72 15.41
C ALA B 127 -32.07 -7.05 16.89
N ASN B 128 -31.67 -8.27 17.22
CA ASN B 128 -31.71 -8.79 18.57
C ASN B 128 -30.92 -7.95 19.55
N ILE B 129 -30.11 -7.04 19.03
CA ILE B 129 -29.30 -6.23 19.91
C ILE B 129 -29.77 -4.77 19.91
N ILE B 130 -30.16 -4.26 18.74
CA ILE B 130 -30.59 -2.86 18.72
C ILE B 130 -32.07 -2.63 18.39
N GLY B 131 -32.83 -3.70 18.14
CA GLY B 131 -34.25 -3.53 17.83
C GLY B 131 -34.54 -3.39 16.34
N LYS B 132 -33.82 -2.49 15.67
CA LYS B 132 -34.02 -2.24 14.24
C LYS B 132 -33.64 -3.42 13.37
N SER B 133 -34.43 -3.68 12.32
CA SER B 133 -33.96 -4.56 11.25
C SER B 133 -33.46 -3.69 10.10
N PRO B 134 -32.13 -3.49 10.02
CA PRO B 134 -31.58 -2.56 9.04
C PRO B 134 -31.82 -3.10 7.65
N LYS B 135 -31.82 -2.22 6.65
CA LYS B 135 -32.04 -2.69 5.28
C LYS B 135 -30.78 -2.64 4.43
N LEU B 136 -29.87 -1.71 4.72
CA LEU B 136 -28.67 -1.51 3.91
C LEU B 136 -27.57 -2.55 4.15
N THR B 137 -27.08 -3.09 3.05
CA THR B 137 -25.96 -4.03 3.06
C THR B 137 -24.79 -3.50 2.23
N ARG B 138 -23.58 -3.87 2.63
CA ARG B 138 -22.36 -3.52 1.93
C ARG B 138 -21.70 -4.82 1.56
N PRO B 139 -21.53 -5.05 0.23
CA PRO B 139 -21.04 -6.35 -0.21
C PRO B 139 -19.56 -6.51 0.06
N PRO B 140 -19.18 -7.68 0.57
CA PRO B 140 -17.76 -7.99 0.69
C PRO B 140 -17.13 -8.04 -0.69
N TYR B 141 -16.03 -7.32 -0.87
CA TYR B 141 -15.28 -7.23 -2.12
C TYR B 141 -16.03 -6.37 -3.15
N GLY B 142 -16.97 -5.56 -2.65
CA GLY B 142 -17.87 -4.78 -3.47
C GLY B 142 -18.87 -5.59 -4.27
N SER B 143 -19.87 -4.93 -4.83
CA SER B 143 -20.87 -5.63 -5.67
C SER B 143 -20.35 -6.08 -7.03
N MET B 144 -19.38 -5.35 -7.57
CA MET B 144 -18.85 -5.68 -8.91
C MET B 144 -17.63 -6.59 -8.83
N PRO B 145 -17.71 -7.80 -9.42
CA PRO B 145 -18.78 -8.38 -10.24
C PRO B 145 -19.62 -9.42 -9.51
N GLY B 146 -19.47 -9.53 -8.20
CA GLY B 146 -20.12 -10.58 -7.42
C GLY B 146 -21.64 -10.63 -7.45
N LEU B 147 -22.29 -9.49 -7.24
CA LEU B 147 -23.75 -9.43 -7.30
C LEU B 147 -24.26 -9.39 -8.73
N ASN B 148 -24.40 -10.57 -9.34
CA ASN B 148 -25.04 -10.69 -10.63
C ASN B 148 -26.53 -10.30 -10.57
N GLU B 149 -27.14 -10.14 -11.74
CA GLU B 149 -28.55 -9.73 -11.85
C GLU B 149 -29.52 -10.61 -11.06
N GLY B 150 -29.25 -11.92 -11.00
CA GLY B 150 -30.08 -12.83 -10.25
C GLY B 150 -30.11 -12.46 -8.77
N LEU B 151 -28.91 -12.35 -8.18
CA LEU B 151 -28.78 -11.97 -6.78
C LEU B 151 -29.34 -10.58 -6.57
N ARG B 152 -29.05 -9.68 -7.51
CA ARG B 152 -29.61 -8.33 -7.43
C ARG B 152 -31.15 -8.36 -7.40
N ASN B 153 -31.75 -9.26 -8.18
CA ASN B 153 -33.19 -9.41 -8.14
C ASN B 153 -33.59 -9.88 -6.74
N LYS B 154 -32.89 -10.87 -6.22
CA LYS B 154 -33.20 -11.39 -4.90
C LYS B 154 -33.01 -10.32 -3.83
N VAL B 155 -31.99 -9.48 -3.97
CA VAL B 155 -31.79 -8.38 -3.04
C VAL B 155 -33.00 -7.47 -2.96
N VAL B 156 -33.50 -7.04 -4.12
CA VAL B 156 -34.57 -6.06 -4.15
C VAL B 156 -35.89 -6.74 -3.76
N GLU B 157 -36.03 -8.01 -4.14
CA GLU B 157 -37.14 -8.83 -3.72
C GLU B 157 -37.20 -8.99 -2.20
N GLY B 158 -36.04 -8.99 -1.56
CA GLY B 158 -35.93 -9.19 -0.12
C GLY B 158 -36.18 -7.91 0.67
N GLY B 159 -36.26 -6.79 -0.04
CA GLY B 159 -36.43 -5.50 0.62
C GLY B 159 -35.12 -4.87 1.02
N PHE B 160 -34.03 -5.61 0.77
CA PHE B 160 -32.68 -5.16 1.11
C PHE B 160 -32.17 -4.06 0.21
N LYS B 161 -31.05 -3.48 0.62
CA LYS B 161 -30.40 -2.45 -0.17
C LYS B 161 -28.89 -2.63 -0.23
N VAL B 162 -28.27 -2.12 -1.29
CA VAL B 162 -26.84 -2.36 -1.49
C VAL B 162 -26.05 -1.07 -1.67
N TRP B 163 -25.09 -0.84 -0.78
CA TRP B 163 -24.12 0.23 -0.99
C TRP B 163 -22.71 -0.26 -1.27
N ASP B 164 -22.12 0.29 -2.32
CA ASP B 164 -20.68 0.22 -2.55
C ASP B 164 -20.09 1.52 -2.03
N TRP B 165 -19.19 2.13 -2.80
CA TRP B 165 -18.54 3.37 -2.39
C TRP B 165 -18.02 4.17 -3.59
N THR B 166 -17.83 5.48 -3.38
CA THR B 166 -17.21 6.34 -4.36
C THR B 166 -15.74 6.64 -4.05
N ILE B 167 -15.32 6.55 -2.79
CA ILE B 167 -13.88 6.63 -2.45
C ILE B 167 -13.40 5.38 -1.76
N ASP B 168 -12.30 4.82 -2.23
CA ASP B 168 -11.63 3.71 -1.58
C ASP B 168 -10.37 4.17 -0.84
N SER B 169 -10.44 4.23 0.48
CA SER B 169 -9.30 4.70 1.26
C SER B 169 -8.08 3.80 1.12
N LEU B 170 -8.30 2.55 0.71
CA LEU B 170 -7.26 1.51 0.60
C LEU B 170 -6.53 1.29 1.94
N ASP B 171 -7.21 1.64 3.02
CA ASP B 171 -6.63 1.71 4.35
C ASP B 171 -5.96 0.41 4.79
N TRP B 172 -6.59 -0.72 4.50
CA TRP B 172 -6.16 -2.03 4.99
C TRP B 172 -4.86 -2.53 4.41
N ARG B 173 -4.45 -1.97 3.28
CA ARG B 173 -3.21 -2.34 2.63
C ARG B 173 -1.99 -1.67 3.28
N TYR B 174 -2.21 -0.58 4.01
CA TYR B 174 -1.10 0.13 4.65
C TYR B 174 -0.74 -0.53 6.00
N ASN B 175 -0.29 -1.78 5.96
CA ASN B 175 -0.02 -2.52 7.19
C ASN B 175 1.43 -2.99 7.41
N LYS B 176 2.41 -2.37 6.74
CA LYS B 176 3.82 -2.77 6.90
C LYS B 176 4.69 -1.53 6.99
N MET B 177 4.15 -0.51 7.67
CA MET B 177 4.87 0.72 7.95
C MET B 177 4.46 1.26 9.32
N PRO B 178 5.17 2.28 9.83
CA PRO B 178 4.69 2.96 11.05
C PRO B 178 3.21 3.36 10.93
N VAL B 179 2.45 3.18 12.01
CA VAL B 179 1.00 3.39 11.98
C VAL B 179 0.65 4.85 11.68
N ASP B 180 1.44 5.76 12.24
CA ASP B 180 1.20 7.19 12.06
C ASP B 180 1.42 7.67 10.63
N ALA B 181 2.29 6.96 9.91
CA ALA B 181 2.69 7.33 8.57
C ALA B 181 1.76 6.65 7.59
N ALA B 182 1.30 5.46 7.96
CA ALA B 182 0.24 4.79 7.23
C ALA B 182 -1.04 5.62 7.29
N ALA B 183 -1.28 6.25 8.42
CA ALA B 183 -2.53 6.97 8.61
C ALA B 183 -2.54 8.25 7.79
N ALA B 184 -1.38 8.90 7.73
CA ALA B 184 -1.22 10.10 6.92
C ALA B 184 -1.44 9.84 5.41
N GLN B 185 -1.01 8.69 4.89
CA GLN B 185 -1.17 8.41 3.47
C GLN B 185 -2.59 7.99 3.17
N ILE B 186 -3.22 7.34 4.14
CA ILE B 186 -4.62 6.96 4.05
C ILE B 186 -5.53 8.20 4.12
N ALA B 187 -5.18 9.16 4.96
CA ALA B 187 -5.94 10.38 5.07
C ALA B 187 -5.79 11.19 3.79
N GLN B 188 -4.58 11.18 3.24
CA GLN B 188 -4.33 11.89 2.00
C GLN B 188 -5.15 11.29 0.84
N ASN B 189 -5.15 9.96 0.73
CA ASN B 189 -5.95 9.28 -0.28
C ASN B 189 -7.38 9.79 -0.30
N VAL B 190 -7.99 9.79 0.88
CA VAL B 190 -9.36 10.24 1.10
C VAL B 190 -9.51 11.73 0.79
N LEU B 191 -8.69 12.55 1.43
CA LEU B 191 -8.86 14.01 1.29
C LEU B 191 -8.70 14.47 -0.14
N THR B 192 -7.90 13.78 -0.94
CA THR B 192 -7.65 14.26 -2.31
C THR B 192 -8.58 13.64 -3.36
N ASN B 193 -9.58 12.89 -2.93
CA ASN B 193 -10.59 12.37 -3.84
C ASN B 193 -12.00 12.87 -3.53
N ALA B 194 -12.15 13.54 -2.39
CA ALA B 194 -13.40 14.18 -2.05
C ALA B 194 -13.60 15.38 -2.96
N THR B 195 -14.60 15.30 -3.82
CA THR B 195 -14.89 16.36 -4.78
C THR B 195 -16.38 16.46 -5.03
N LYS B 196 -17.02 15.30 -5.17
CA LYS B 196 -18.47 15.25 -5.38
C LYS B 196 -19.23 15.70 -4.14
N PRO B 197 -20.41 16.30 -4.33
CA PRO B 197 -21.24 16.78 -3.22
C PRO B 197 -21.61 15.69 -2.21
N GLN B 198 -21.63 14.43 -2.66
CA GLN B 198 -21.73 13.29 -1.75
C GLN B 198 -20.58 12.33 -2.00
N GLU B 199 -19.96 11.87 -0.93
CA GLU B 199 -18.88 10.90 -1.04
C GLU B 199 -19.09 9.77 -0.05
N VAL B 200 -18.98 8.54 -0.53
CA VAL B 200 -19.10 7.39 0.34
C VAL B 200 -17.72 6.76 0.47
N ILE B 201 -17.17 6.88 1.67
CA ILE B 201 -15.77 6.62 1.93
C ILE B 201 -15.59 5.27 2.57
N LEU B 202 -14.86 4.40 1.89
CA LEU B 202 -14.69 3.03 2.32
C LEU B 202 -13.52 2.97 3.26
N MET B 203 -13.76 2.46 4.47
CA MET B 203 -12.71 2.25 5.45
C MET B 203 -13.03 0.98 6.22
N HIS B 204 -12.14 0.61 7.14
CA HIS B 204 -12.29 -0.60 7.93
C HIS B 204 -11.93 -0.30 9.37
N ASP B 205 -12.85 -0.49 10.31
CA ASP B 205 -12.52 -0.08 11.69
C ASP B 205 -11.71 -1.16 12.44
N ILE B 206 -11.28 -2.19 11.70
CA ILE B 206 -10.56 -3.31 12.26
C ILE B 206 -9.03 -3.28 11.97
N HIS B 207 -8.49 -2.11 11.61
CA HIS B 207 -7.04 -1.95 11.46
C HIS B 207 -6.66 -0.67 12.18
N PRO B 208 -5.53 -0.69 12.92
CA PRO B 208 -5.12 0.49 13.68
C PRO B 208 -4.84 1.72 12.81
N GLN B 209 -4.19 1.53 11.66
CA GLN B 209 -3.80 2.67 10.82
C GLN B 209 -5.03 3.38 10.20
N SER B 210 -6.11 2.63 10.02
CA SER B 210 -7.38 3.16 9.57
C SER B 210 -8.01 4.10 10.60
N VAL B 211 -8.18 3.59 11.82
CA VAL B 211 -8.77 4.37 12.90
C VAL B 211 -7.90 5.59 13.24
N ALA B 212 -6.58 5.44 13.11
CA ALA B 212 -5.66 6.56 13.35
C ALA B 212 -5.74 7.63 12.26
N ALA B 213 -6.17 7.24 11.07
CA ALA B 213 -6.36 8.18 9.96
C ALA B 213 -7.58 9.10 10.14
N VAL B 214 -8.57 8.60 10.88
CA VAL B 214 -9.87 9.26 11.03
C VAL B 214 -9.80 10.71 11.53
N PRO B 215 -8.91 11.01 12.48
CA PRO B 215 -8.82 12.43 12.89
C PRO B 215 -8.41 13.37 11.75
N ALA B 216 -7.38 13.01 10.99
CA ALA B 216 -6.89 13.86 9.91
C ALA B 216 -7.96 14.03 8.84
N ILE B 217 -8.59 12.92 8.49
CA ILE B 217 -9.71 12.88 7.55
C ILE B 217 -10.89 13.78 7.97
N LEU B 218 -11.31 13.71 9.23
CA LEU B 218 -12.39 14.56 9.72
C LEU B 218 -12.07 16.04 9.56
N LYS B 219 -10.87 16.42 9.99
CA LYS B 219 -10.47 17.82 9.94
C LYS B 219 -10.35 18.29 8.49
N GLY B 220 -9.78 17.46 7.63
CA GLY B 220 -9.55 17.83 6.25
C GLY B 220 -10.83 18.07 5.48
N LEU B 221 -11.71 17.07 5.47
CA LEU B 221 -12.99 17.18 4.79
C LEU B 221 -13.82 18.33 5.33
N LYS B 222 -13.78 18.55 6.64
CA LYS B 222 -14.49 19.66 7.26
C LYS B 222 -13.97 20.99 6.72
N GLU B 223 -12.67 21.06 6.43
CA GLU B 223 -12.08 22.22 5.75
C GLU B 223 -12.68 22.38 4.36
N LYS B 224 -13.07 21.27 3.75
CA LYS B 224 -13.58 21.29 2.38
C LYS B 224 -15.09 21.54 2.32
N GLY B 225 -15.72 21.66 3.48
CA GLY B 225 -17.13 22.00 3.54
C GLY B 225 -18.06 20.82 3.65
N TYR B 226 -17.52 19.65 3.99
CA TYR B 226 -18.33 18.45 4.16
C TYR B 226 -18.92 18.33 5.57
N GLU B 227 -20.09 17.71 5.64
CA GLU B 227 -20.69 17.32 6.93
C GLU B 227 -20.63 15.81 7.05
N PHE B 228 -20.47 15.32 8.28
CA PHE B 228 -20.32 13.89 8.49
C PHE B 228 -21.60 13.26 9.05
N GLU B 229 -22.53 12.98 8.16
CA GLU B 229 -23.76 12.31 8.53
C GLU B 229 -23.64 10.82 8.35
N ALA B 230 -24.47 10.11 9.11
CA ALA B 230 -24.69 8.70 8.86
C ALA B 230 -25.68 8.54 7.71
N TYR B 231 -25.67 7.34 7.13
CA TYR B 231 -26.71 6.89 6.23
C TYR B 231 -28.08 6.99 6.90
N HIS B 232 -29.08 7.44 6.16
CA HIS B 232 -30.46 7.42 6.62
C HIS B 232 -31.29 6.58 5.68
N GLU B 233 -32.03 5.66 6.26
CA GLU B 233 -32.95 4.80 5.53
C GLU B 233 -33.98 5.57 4.74
N GLU B 234 -34.58 6.56 5.38
CA GLU B 234 -35.70 7.26 4.77
C GLU B 234 -35.21 8.10 3.59
N SER B 235 -33.91 8.40 3.61
CA SER B 235 -33.33 9.34 2.67
C SER B 235 -32.35 8.66 1.70
N HIS B 236 -32.72 7.47 1.22
CA HIS B 236 -31.84 6.65 0.41
C HIS B 236 -31.66 7.16 -1.02
N PHE B 237 -30.42 7.11 -1.50
CA PHE B 237 -30.10 7.31 -2.91
C PHE B 237 -29.14 6.18 -3.33
N PRO B 238 -29.27 5.68 -4.57
CA PRO B 238 -28.50 4.50 -4.95
C PRO B 238 -27.02 4.80 -5.02
N VAL B 239 -26.19 3.89 -4.53
CA VAL B 239 -24.73 3.99 -4.71
C VAL B 239 -24.12 2.60 -4.93
N ASN B 240 -24.08 2.17 -6.19
CA ASN B 240 -23.51 0.88 -6.50
C ASN B 240 -22.88 0.83 -7.89
N PHE B 241 -21.93 -0.08 -8.06
CA PHE B 241 -21.18 -0.22 -9.28
C PHE B 241 -22.01 -0.72 -10.46
N TRP B 242 -23.13 -1.38 -10.18
CA TRP B 242 -23.98 -1.89 -11.25
C TRP B 242 -24.87 -0.82 -11.83
N HIS B 243 -24.88 0.34 -11.19
CA HIS B 243 -25.76 1.45 -11.58
C HIS B 243 -27.25 1.00 -11.53
N ASP B 244 -27.55 0.06 -10.64
CA ASP B 244 -28.92 -0.45 -10.42
C ASP B 244 -29.64 0.35 -9.33
N ASN B 245 -30.57 1.21 -9.73
CA ASN B 245 -31.16 2.15 -8.77
C ASN B 245 -32.41 1.59 -8.09
N ARG B 246 -32.59 0.28 -8.18
CA ARG B 246 -33.62 -0.38 -7.43
C ARG B 246 -33.10 -0.69 -6.00
N MET B 247 -31.79 -0.78 -5.87
CA MET B 247 -31.18 -1.12 -4.60
C MET B 247 -30.36 0.05 -4.05
N ARG C 42 -9.25 28.84 -23.76
CA ARG C 42 -10.68 28.75 -24.02
C ARG C 42 -11.27 27.51 -23.36
N LYS C 43 -12.57 27.56 -23.10
CA LYS C 43 -13.23 26.47 -22.41
C LYS C 43 -13.81 25.53 -23.44
N VAL C 44 -13.51 24.25 -23.28
CA VAL C 44 -13.99 23.25 -24.21
C VAL C 44 -14.73 22.18 -23.43
N ALA C 45 -15.91 21.83 -23.88
CA ALA C 45 -16.71 20.80 -23.22
C ALA C 45 -16.86 19.57 -24.10
N TYR C 46 -16.44 18.42 -23.59
CA TYR C 46 -16.53 17.18 -24.33
C TYR C 46 -17.64 16.29 -23.81
N LEU C 47 -18.83 16.42 -24.38
CA LEU C 47 -19.92 15.48 -24.14
C LEU C 47 -19.52 14.12 -24.68
N THR C 48 -19.64 13.11 -23.83
CA THR C 48 -19.38 11.74 -24.22
C THR C 48 -20.63 10.93 -23.93
N PHE C 49 -20.95 9.98 -24.81
CA PHE C 49 -22.16 9.18 -24.65
C PHE C 49 -21.77 7.71 -24.78
N ASP C 50 -22.22 6.91 -23.82
CA ASP C 50 -21.81 5.52 -23.70
C ASP C 50 -22.91 4.51 -23.97
N ASP C 51 -22.52 3.29 -24.27
CA ASP C 51 -23.42 2.14 -24.36
C ASP C 51 -24.33 2.15 -25.59
N GLY C 52 -24.14 3.09 -26.52
CA GLY C 52 -24.95 3.13 -27.71
C GLY C 52 -24.47 2.32 -28.92
N PRO C 53 -25.11 2.53 -30.08
CA PRO C 53 -26.30 3.39 -30.26
C PRO C 53 -27.56 2.76 -29.68
N GLY C 54 -28.58 3.58 -29.46
CA GLY C 54 -29.83 3.12 -28.91
C GLY C 54 -30.97 3.88 -29.53
N LYS C 55 -32.18 3.75 -28.97
CA LYS C 55 -33.39 4.26 -29.62
C LYS C 55 -33.64 5.76 -29.40
N TYR C 56 -32.82 6.42 -28.60
CA TYR C 56 -32.93 7.86 -28.44
C TYR C 56 -31.74 8.57 -29.08
N THR C 57 -30.88 7.80 -29.73
CA THR C 57 -29.67 8.35 -30.33
C THR C 57 -29.98 9.28 -31.50
N ALA C 58 -30.95 8.92 -32.34
CA ALA C 58 -31.29 9.79 -33.47
C ALA C 58 -31.83 11.13 -32.98
N GLU C 59 -32.62 11.11 -31.90
CA GLU C 59 -33.14 12.36 -31.33
C GLU C 59 -32.01 13.22 -30.75
N LEU C 60 -31.02 12.54 -30.16
CA LEU C 60 -29.84 13.22 -29.65
C LEU C 60 -29.02 13.84 -30.80
N LEU C 61 -28.82 13.06 -31.86
CA LEU C 61 -28.05 13.54 -33.02
C LEU C 61 -28.71 14.75 -33.66
N ASN C 62 -30.05 14.78 -33.63
CA ASN C 62 -30.81 15.94 -34.09
C ASN C 62 -30.65 17.13 -33.14
N THR C 63 -30.82 16.88 -31.85
CA THR C 63 -30.66 17.91 -30.83
C THR C 63 -29.26 18.54 -30.84
N LEU C 64 -28.22 17.72 -31.03
CA LEU C 64 -26.85 18.21 -31.12
C LEU C 64 -26.62 19.06 -32.35
N LYS C 65 -26.90 18.49 -33.52
CA LYS C 65 -26.74 19.16 -34.80
C LYS C 65 -27.44 20.51 -34.81
N GLN C 66 -28.60 20.58 -34.17
CA GLN C 66 -29.40 21.79 -34.19
C GLN C 66 -28.74 22.90 -33.37
N HIS C 67 -27.83 22.56 -32.48
CA HIS C 67 -27.05 23.58 -31.78
C HIS C 67 -25.59 23.68 -32.26
N ASP C 68 -25.31 23.02 -33.37
CA ASP C 68 -23.96 22.86 -33.90
C ASP C 68 -23.02 22.48 -32.75
N ALA C 69 -23.20 21.27 -32.24
CA ALA C 69 -22.47 20.82 -31.07
C ALA C 69 -21.93 19.44 -31.41
N LYS C 70 -20.64 19.24 -31.21
CA LYS C 70 -20.01 17.98 -31.59
C LYS C 70 -19.67 17.23 -30.34
N ALA C 71 -19.79 15.92 -30.41
CA ALA C 71 -19.67 15.07 -29.23
C ALA C 71 -18.92 13.80 -29.54
N THR C 72 -18.85 12.91 -28.57
CA THR C 72 -18.13 11.66 -28.71
C THR C 72 -19.03 10.54 -28.25
N PHE C 73 -18.98 9.42 -28.97
CA PHE C 73 -19.78 8.24 -28.64
C PHE C 73 -18.87 7.04 -28.48
N PHE C 74 -19.04 6.32 -27.37
CA PHE C 74 -18.30 5.08 -27.17
C PHE C 74 -19.29 3.95 -27.27
N LEU C 75 -19.15 3.13 -28.31
CA LEU C 75 -20.23 2.23 -28.69
C LEU C 75 -19.95 0.79 -28.31
N ILE C 76 -21.00 0.05 -27.99
CA ILE C 76 -20.89 -1.38 -27.72
C ILE C 76 -21.06 -2.16 -29.04
N GLY C 77 -20.25 -3.21 -29.20
CA GLY C 77 -20.19 -3.96 -30.44
C GLY C 77 -21.52 -4.46 -30.97
N ALA C 78 -22.36 -4.90 -30.03
CA ALA C 78 -23.68 -5.45 -30.32
C ALA C 78 -24.64 -4.37 -30.85
N ASN C 79 -24.47 -3.15 -30.35
CA ASN C 79 -25.29 -2.03 -30.76
C ASN C 79 -24.79 -1.45 -32.07
N VAL C 80 -23.51 -1.64 -32.35
CA VAL C 80 -22.91 -1.32 -33.63
C VAL C 80 -23.46 -2.29 -34.67
N LYS C 81 -23.58 -3.56 -34.28
CA LYS C 81 -24.13 -4.54 -35.21
C LYS C 81 -25.58 -4.27 -35.58
N GLU C 82 -26.37 -3.79 -34.64
CA GLU C 82 -27.78 -3.65 -34.95
C GLU C 82 -28.15 -2.24 -35.39
N PHE C 83 -27.29 -1.25 -35.12
CA PHE C 83 -27.56 0.10 -35.62
C PHE C 83 -26.49 0.66 -36.56
N PRO C 84 -26.16 -0.05 -37.64
CA PRO C 84 -25.09 0.46 -38.51
C PRO C 84 -25.34 1.86 -39.03
N ASP C 85 -26.59 2.20 -39.33
CA ASP C 85 -26.96 3.53 -39.81
C ASP C 85 -26.60 4.66 -38.85
N LEU C 86 -26.98 4.50 -37.59
CA LEU C 86 -26.73 5.51 -36.56
C LEU C 86 -25.23 5.74 -36.40
N VAL C 87 -24.47 4.65 -36.44
CA VAL C 87 -23.02 4.71 -36.39
C VAL C 87 -22.49 5.57 -37.54
N LYS C 88 -22.96 5.29 -38.75
CA LYS C 88 -22.49 5.99 -39.94
C LYS C 88 -22.83 7.47 -39.87
N ARG C 89 -24.01 7.74 -39.33
CA ARG C 89 -24.49 9.10 -39.16
C ARG C 89 -23.68 9.90 -38.13
N GLU C 90 -23.40 9.28 -36.98
CA GLU C 90 -22.60 9.91 -35.93
C GLU C 90 -21.29 10.43 -36.49
N ASN C 91 -20.56 9.58 -37.18
CA ASN C 91 -19.35 10.04 -37.82
C ASN C 91 -19.64 11.12 -38.86
N ALA C 92 -20.67 10.91 -39.67
CA ALA C 92 -21.03 11.84 -40.73
C ALA C 92 -21.36 13.25 -40.23
N GLU C 93 -21.87 13.36 -39.02
CA GLU C 93 -22.25 14.69 -38.53
C GLU C 93 -21.17 15.28 -37.61
N GLY C 94 -19.95 14.75 -37.73
CA GLY C 94 -18.76 15.34 -37.13
C GLY C 94 -18.44 14.93 -35.70
N HIS C 95 -19.12 13.91 -35.20
CA HIS C 95 -18.84 13.46 -33.86
C HIS C 95 -17.75 12.40 -33.89
N TYR C 96 -17.02 12.24 -32.78
CA TYR C 96 -16.06 11.15 -32.70
C TYR C 96 -16.76 9.84 -32.34
N VAL C 97 -16.32 8.76 -32.96
CA VAL C 97 -16.91 7.45 -32.73
C VAL C 97 -15.81 6.53 -32.20
N GLY C 98 -15.85 6.27 -30.88
CA GLY C 98 -14.88 5.45 -30.20
C GLY C 98 -15.47 4.14 -29.74
N MET C 99 -14.65 3.33 -29.05
CA MET C 99 -15.07 2.01 -28.59
C MET C 99 -15.44 1.99 -27.08
N HIS C 100 -16.30 1.03 -26.71
CA HIS C 100 -16.76 0.83 -25.35
C HIS C 100 -16.93 -0.68 -25.14
N SER C 101 -16.23 -1.44 -25.98
CA SER C 101 -16.08 -2.91 -25.92
C SER C 101 -17.25 -3.70 -26.50
N MET C 102 -17.12 -5.02 -26.41
CA MET C 102 -18.08 -5.97 -26.93
C MET C 102 -19.08 -6.43 -25.84
N THR C 103 -18.57 -6.89 -24.70
CA THR C 103 -19.46 -7.49 -23.71
C THR C 103 -19.90 -6.54 -22.60
N HIS C 104 -19.17 -5.45 -22.38
CA HIS C 104 -19.43 -4.58 -21.23
C HIS C 104 -19.49 -5.43 -19.94
N ASN C 105 -18.66 -6.47 -19.91
CA ASN C 105 -18.60 -7.43 -18.82
C ASN C 105 -17.31 -7.23 -18.04
N PHE C 106 -17.46 -6.92 -16.76
CA PHE C 106 -16.34 -6.53 -15.91
C PHE C 106 -15.27 -7.62 -15.77
N ALA C 107 -15.73 -8.85 -15.53
CA ALA C 107 -14.83 -9.97 -15.26
C ALA C 107 -14.08 -10.43 -16.51
N LYS C 108 -14.76 -10.39 -17.65
CA LYS C 108 -14.14 -10.74 -18.91
C LYS C 108 -13.08 -9.70 -19.30
N LEU C 109 -13.47 -8.44 -19.24
CA LEU C 109 -12.59 -7.37 -19.66
C LEU C 109 -11.34 -7.30 -18.84
N TYR C 110 -11.49 -7.28 -17.52
CA TYR C 110 -10.37 -6.97 -16.66
C TYR C 110 -9.78 -8.17 -15.94
N LYS C 111 -10.61 -9.00 -15.32
CA LYS C 111 -10.09 -10.12 -14.54
C LYS C 111 -9.57 -11.22 -15.46
N ASN C 112 -10.26 -11.46 -16.58
CA ASN C 112 -9.79 -12.46 -17.55
C ASN C 112 -8.92 -11.86 -18.66
N GLY C 113 -8.70 -10.55 -18.57
CA GLY C 113 -7.75 -9.80 -19.38
C GLY C 113 -8.12 -9.57 -20.84
N GLU C 114 -9.42 -9.54 -21.14
CA GLU C 114 -9.88 -9.47 -22.52
C GLU C 114 -10.08 -8.05 -23.04
N TYR C 115 -9.79 -7.05 -22.21
CA TYR C 115 -10.07 -5.66 -22.58
C TYR C 115 -9.57 -5.26 -23.98
N VAL C 116 -8.28 -5.40 -24.24
CA VAL C 116 -7.71 -4.89 -25.47
C VAL C 116 -8.25 -5.67 -26.67
N ASN C 117 -8.39 -6.98 -26.48
CA ASN C 117 -9.03 -7.84 -27.46
C ASN C 117 -10.43 -7.40 -27.82
N GLU C 118 -11.24 -7.06 -26.83
CA GLU C 118 -12.59 -6.62 -27.11
C GLU C 118 -12.59 -5.23 -27.74
N MET C 119 -11.63 -4.40 -27.35
CA MET C 119 -11.58 -3.08 -27.94
C MET C 119 -11.20 -3.16 -29.43
N LYS C 120 -10.45 -4.20 -29.79
CA LYS C 120 -9.96 -4.36 -31.15
C LYS C 120 -11.09 -4.89 -32.04
N GLU C 121 -11.82 -5.88 -31.54
CA GLU C 121 -12.96 -6.42 -32.26
C GLU C 121 -14.07 -5.37 -32.48
N ASP C 122 -14.25 -4.51 -31.48
CA ASP C 122 -15.20 -3.42 -31.58
C ASP C 122 -14.69 -2.42 -32.61
N GLN C 123 -13.39 -2.23 -32.64
CA GLN C 123 -12.73 -1.32 -33.57
C GLN C 123 -12.96 -1.74 -35.02
N GLY C 124 -12.92 -3.05 -35.26
CA GLY C 124 -13.10 -3.61 -36.56
C GLY C 124 -14.49 -3.33 -37.07
N LEU C 125 -15.49 -3.64 -36.24
CA LEU C 125 -16.90 -3.42 -36.55
C LEU C 125 -17.12 -1.96 -36.90
N ILE C 126 -16.57 -1.06 -36.09
CA ILE C 126 -16.75 0.36 -36.36
C ILE C 126 -16.05 0.77 -37.66
N ALA C 127 -14.87 0.20 -37.91
CA ALA C 127 -14.07 0.56 -39.09
C ALA C 127 -14.75 0.13 -40.39
N ASN C 128 -15.39 -1.05 -40.36
CA ASN C 128 -16.23 -1.52 -41.44
C ASN C 128 -17.35 -0.59 -41.86
N ILE C 129 -17.74 0.33 -40.98
CA ILE C 129 -18.82 1.25 -41.25
C ILE C 129 -18.33 2.66 -41.60
N ILE C 130 -17.37 3.18 -40.86
CA ILE C 130 -16.98 4.57 -41.06
C ILE C 130 -15.63 4.68 -41.77
N GLY C 131 -14.98 3.54 -42.01
CA GLY C 131 -13.81 3.50 -42.86
C GLY C 131 -12.58 4.10 -42.20
N LYS C 132 -12.62 4.16 -40.88
CA LYS C 132 -11.49 4.58 -40.04
C LYS C 132 -11.39 3.66 -38.84
N SER C 133 -10.18 3.41 -38.35
CA SER C 133 -9.98 2.59 -37.15
C SER C 133 -9.66 3.47 -35.93
N PRO C 134 -10.69 3.76 -35.12
CA PRO C 134 -10.52 4.67 -33.99
C PRO C 134 -9.58 4.08 -32.94
N LYS C 135 -8.93 4.96 -32.20
CA LYS C 135 -7.95 4.53 -31.20
C LYS C 135 -8.45 4.76 -29.78
N LEU C 136 -9.42 5.65 -29.62
CA LEU C 136 -9.88 6.04 -28.30
C LEU C 136 -10.89 5.05 -27.74
N THR C 137 -10.58 4.53 -26.56
CA THR C 137 -11.49 3.63 -25.87
C THR C 137 -11.98 4.30 -24.59
N ARG C 138 -13.16 3.90 -24.17
CA ARG C 138 -13.74 4.34 -22.91
C ARG C 138 -14.04 3.07 -22.19
N PRO C 139 -13.38 2.86 -21.04
CA PRO C 139 -13.53 1.65 -20.26
C PRO C 139 -14.92 1.54 -19.68
N PRO C 140 -15.57 0.39 -19.89
CA PRO C 140 -16.79 0.10 -19.13
C PRO C 140 -16.47 0.15 -17.65
N TYR C 141 -17.28 0.88 -16.87
CA TYR C 141 -17.08 1.00 -15.43
C TYR C 141 -15.84 1.81 -15.02
N GLY C 142 -15.30 2.62 -15.94
CA GLY C 142 -14.07 3.37 -15.73
C GLY C 142 -12.84 2.48 -15.74
N SER C 143 -11.64 3.06 -15.76
CA SER C 143 -10.40 2.25 -15.76
C SER C 143 -9.94 1.86 -14.35
N MET C 144 -10.46 2.56 -13.35
CA MET C 144 -10.08 2.30 -11.97
C MET C 144 -11.15 1.45 -11.28
N PRO C 145 -10.74 0.32 -10.67
CA PRO C 145 -9.37 -0.22 -10.61
C PRO C 145 -9.07 -1.24 -11.70
N GLY C 146 -10.05 -1.47 -12.56
CA GLY C 146 -10.02 -2.51 -13.55
C GLY C 146 -8.83 -2.54 -14.48
N LEU C 147 -8.32 -1.39 -14.88
CA LEU C 147 -7.26 -1.43 -15.89
C LEU C 147 -5.89 -1.50 -15.23
N ASN C 148 -5.43 -2.70 -14.91
CA ASN C 148 -4.18 -2.81 -14.17
C ASN C 148 -2.97 -2.50 -15.03
N GLU C 149 -1.79 -2.48 -14.42
CA GLU C 149 -0.57 -2.03 -15.09
C GLU C 149 -0.23 -2.88 -16.33
N GLY C 150 -0.52 -4.18 -16.25
CA GLY C 150 -0.34 -5.08 -17.36
C GLY C 150 -1.24 -4.74 -18.53
N LEU C 151 -2.54 -4.58 -18.27
CA LEU C 151 -3.50 -4.21 -19.31
C LEU C 151 -3.21 -2.82 -19.81
N ARG C 152 -2.74 -1.92 -18.95
CA ARG C 152 -2.37 -0.61 -19.45
C ARG C 152 -1.20 -0.67 -20.45
N ASN C 153 -0.30 -1.64 -20.34
CA ASN C 153 0.78 -1.81 -21.34
C ASN C 153 0.20 -2.27 -22.69
N LYS C 154 -0.67 -3.27 -22.64
CA LYS C 154 -1.29 -3.81 -23.84
C LYS C 154 -2.08 -2.75 -24.64
N VAL C 155 -2.81 -1.88 -23.94
CA VAL C 155 -3.49 -0.75 -24.55
C VAL C 155 -2.48 0.16 -25.25
N VAL C 156 -1.37 0.38 -24.57
CA VAL C 156 -0.33 1.25 -25.08
C VAL C 156 0.34 0.57 -26.28
N GLU C 157 0.49 -0.76 -26.17
CA GLU C 157 1.12 -1.55 -27.21
C GLU C 157 0.14 -1.83 -28.37
N GLY C 158 -1.14 -1.74 -28.12
CA GLY C 158 -2.10 -1.97 -29.17
C GLY C 158 -2.38 -0.68 -29.92
N GLY C 159 -1.84 0.42 -29.41
CA GLY C 159 -2.06 1.70 -30.04
C GLY C 159 -3.29 2.48 -29.54
N PHE C 160 -3.94 1.97 -28.49
CA PHE C 160 -5.15 2.60 -27.99
C PHE C 160 -4.89 3.69 -26.96
N LYS C 161 -5.78 4.67 -26.93
CA LYS C 161 -5.85 5.58 -25.82
C LYS C 161 -7.05 5.17 -24.93
N VAL C 162 -7.08 5.70 -23.72
CA VAL C 162 -8.13 5.43 -22.76
C VAL C 162 -8.62 6.77 -22.25
N TRP C 163 -9.92 7.04 -22.38
CA TRP C 163 -10.51 8.17 -21.67
C TRP C 163 -11.56 7.76 -20.65
N ASP C 164 -11.41 8.30 -19.45
CA ASP C 164 -12.46 8.26 -18.44
C ASP C 164 -13.25 9.56 -18.59
N TRP C 165 -13.65 10.14 -17.47
CA TRP C 165 -14.43 11.39 -17.47
C TRP C 165 -14.04 12.27 -16.28
N THR C 166 -14.44 13.54 -16.32
CA THR C 166 -14.21 14.43 -15.20
C THR C 166 -15.51 14.80 -14.51
N ILE C 167 -16.63 14.49 -15.16
CA ILE C 167 -17.96 14.72 -14.60
C ILE C 167 -18.89 13.53 -14.85
N ASP C 168 -19.49 13.02 -13.79
CA ASP C 168 -20.48 11.96 -13.89
C ASP C 168 -21.90 12.57 -13.83
N SER C 169 -22.60 12.56 -14.96
CA SER C 169 -23.97 13.12 -15.02
C SER C 169 -24.92 12.44 -14.02
N LEU C 170 -24.54 11.25 -13.55
CA LEU C 170 -25.31 10.45 -12.62
C LEU C 170 -26.69 10.08 -13.20
N ASP C 171 -26.77 9.97 -14.52
CA ASP C 171 -28.05 9.80 -15.21
C ASP C 171 -28.75 8.47 -14.86
N TRP C 172 -27.97 7.47 -14.47
CA TRP C 172 -28.51 6.14 -14.18
C TRP C 172 -29.43 6.08 -12.94
N ARG C 173 -29.35 7.11 -12.08
CA ARG C 173 -30.13 7.16 -10.85
C ARG C 173 -31.59 7.38 -11.16
N TYR C 174 -31.84 8.10 -12.24
CA TYR C 174 -33.20 8.57 -12.51
C TYR C 174 -33.91 7.70 -13.53
N ASN C 175 -33.53 6.43 -13.56
CA ASN C 175 -34.00 5.53 -14.59
C ASN C 175 -35.39 5.05 -14.32
N LYS C 176 -36.15 4.95 -15.40
CA LYS C 176 -37.51 4.47 -15.34
C LYS C 176 -38.33 5.46 -14.52
N MET C 177 -37.86 6.70 -14.46
CA MET C 177 -38.56 7.75 -13.74
C MET C 177 -39.07 8.74 -14.79
N PRO C 178 -40.08 9.58 -14.42
CA PRO C 178 -40.59 10.64 -15.29
C PRO C 178 -39.46 11.44 -15.93
N VAL C 179 -39.46 11.52 -17.27
CA VAL C 179 -38.29 11.96 -18.00
C VAL C 179 -37.85 13.42 -17.78
N ASP C 180 -38.79 14.36 -17.73
CA ASP C 180 -38.42 15.78 -17.65
C ASP C 180 -37.87 16.22 -16.31
N ALA C 181 -38.51 15.73 -15.25
CA ALA C 181 -38.03 15.98 -13.91
C ALA C 181 -36.63 15.38 -13.77
N ALA C 182 -36.48 14.12 -14.17
CA ALA C 182 -35.20 13.44 -14.13
C ALA C 182 -34.11 14.21 -14.86
N ALA C 183 -34.41 14.61 -16.10
CA ALA C 183 -33.44 15.26 -16.98
C ALA C 183 -32.94 16.60 -16.44
N ALA C 184 -33.85 17.33 -15.81
CA ALA C 184 -33.54 18.66 -15.27
C ALA C 184 -32.53 18.52 -14.14
N GLN C 185 -32.68 17.45 -13.36
CA GLN C 185 -31.77 17.17 -12.27
C GLN C 185 -30.40 16.79 -12.81
N ILE C 186 -30.38 15.96 -13.86
CA ILE C 186 -29.14 15.56 -14.52
C ILE C 186 -28.43 16.77 -15.06
N ALA C 187 -29.21 17.69 -15.60
CA ALA C 187 -28.65 18.92 -16.14
C ALA C 187 -27.91 19.66 -15.04
N GLN C 188 -28.56 19.78 -13.88
CA GLN C 188 -27.98 20.58 -12.83
C GLN C 188 -26.76 19.84 -12.28
N ASN C 189 -26.82 18.51 -12.28
CA ASN C 189 -25.67 17.66 -11.93
C ASN C 189 -24.40 18.06 -12.68
N VAL C 190 -24.47 18.19 -14.00
CA VAL C 190 -23.29 18.54 -14.78
C VAL C 190 -22.89 20.03 -14.71
N LEU C 191 -23.87 20.92 -14.74
CA LEU C 191 -23.61 22.35 -14.77
C LEU C 191 -22.89 22.88 -13.53
N THR C 192 -23.30 22.41 -12.37
CA THR C 192 -22.76 22.88 -11.10
C THR C 192 -21.38 22.29 -10.85
N ASN C 193 -21.00 21.27 -11.64
CA ASN C 193 -19.70 20.63 -11.51
C ASN C 193 -18.76 21.05 -12.63
N ALA C 194 -19.27 21.89 -13.53
CA ALA C 194 -18.46 22.42 -14.62
C ALA C 194 -17.73 23.68 -14.17
N THR C 195 -16.44 23.54 -13.92
CA THR C 195 -15.63 24.61 -13.33
C THR C 195 -14.26 24.75 -14.03
N LYS C 196 -13.79 23.67 -14.65
CA LYS C 196 -12.43 23.57 -15.17
C LYS C 196 -12.40 23.88 -16.68
N PRO C 197 -11.27 24.39 -17.18
CA PRO C 197 -11.15 24.78 -18.60
C PRO C 197 -11.55 23.67 -19.59
N GLN C 198 -11.16 22.44 -19.28
CA GLN C 198 -11.64 21.26 -20.00
C GLN C 198 -12.47 20.36 -19.10
N GLU C 199 -13.56 19.83 -19.64
CA GLU C 199 -14.40 18.88 -18.92
C GLU C 199 -14.85 17.77 -19.86
N VAL C 200 -14.73 16.52 -19.41
CA VAL C 200 -15.21 15.38 -20.18
C VAL C 200 -16.42 14.77 -19.45
N ILE C 201 -17.59 15.06 -19.99
CA ILE C 201 -18.84 14.70 -19.35
C ILE C 201 -19.31 13.29 -19.72
N LEU C 202 -19.72 12.53 -18.71
CA LEU C 202 -20.17 11.15 -18.90
C LEU C 202 -21.69 11.09 -18.98
N MET C 203 -22.22 10.70 -20.13
CA MET C 203 -23.66 10.48 -20.26
C MET C 203 -23.96 9.18 -20.99
N HIS C 204 -25.24 8.83 -21.12
CA HIS C 204 -25.63 7.56 -21.72
C HIS C 204 -26.86 7.79 -22.64
N ASP C 205 -26.69 7.65 -23.95
CA ASP C 205 -27.79 7.96 -24.86
C ASP C 205 -28.79 6.80 -25.01
N ILE C 206 -28.64 5.78 -24.16
CA ILE C 206 -29.58 4.67 -24.12
C ILE C 206 -30.61 4.95 -23.04
N HIS C 207 -30.55 6.14 -22.46
CA HIS C 207 -31.52 6.55 -21.45
C HIS C 207 -32.24 7.80 -21.93
N PRO C 208 -33.57 7.80 -21.85
CA PRO C 208 -34.40 8.96 -22.23
C PRO C 208 -34.11 10.21 -21.39
N GLN C 209 -33.94 10.06 -20.07
CA GLN C 209 -33.77 11.19 -19.17
C GLN C 209 -32.40 11.83 -19.41
N SER C 210 -31.50 11.02 -19.92
CA SER C 210 -30.16 11.48 -20.28
C SER C 210 -30.22 12.36 -21.51
N VAL C 211 -30.82 11.84 -22.59
CA VAL C 211 -30.95 12.57 -23.85
C VAL C 211 -31.82 13.81 -23.64
N ALA C 212 -32.82 13.72 -22.77
CA ALA C 212 -33.67 14.87 -22.46
C ALA C 212 -32.93 15.95 -21.65
N ALA C 213 -31.87 15.54 -20.98
CA ALA C 213 -31.09 16.42 -20.12
C ALA C 213 -30.21 17.36 -20.94
N VAL C 214 -29.84 16.89 -22.13
CA VAL C 214 -28.83 17.54 -22.95
C VAL C 214 -29.14 18.98 -23.43
N PRO C 215 -30.37 19.26 -23.90
CA PRO C 215 -30.61 20.66 -24.32
C PRO C 215 -30.28 21.71 -23.24
N ALA C 216 -30.74 21.48 -22.01
CA ALA C 216 -30.49 22.40 -20.89
C ALA C 216 -29.00 22.45 -20.53
N ILE C 217 -28.33 21.32 -20.64
CA ILE C 217 -26.89 21.27 -20.45
C ILE C 217 -26.16 22.06 -21.54
N LEU C 218 -26.57 21.86 -22.79
CA LEU C 218 -25.87 22.41 -23.95
C LEU C 218 -25.66 23.92 -24.03
N LYS C 219 -26.60 24.71 -23.57
CA LYS C 219 -26.36 26.15 -23.61
C LYS C 219 -26.20 26.75 -22.21
N GLY C 220 -26.58 25.99 -21.19
CA GLY C 220 -26.26 26.39 -19.83
C GLY C 220 -24.76 26.34 -19.67
N LEU C 221 -24.12 25.33 -20.25
CA LEU C 221 -22.66 25.24 -20.25
C LEU C 221 -22.07 26.29 -21.18
N LYS C 222 -22.76 26.56 -22.27
CA LYS C 222 -22.30 27.52 -23.28
C LYS C 222 -22.17 28.94 -22.72
N GLU C 223 -23.02 29.33 -21.77
CA GLU C 223 -22.89 30.66 -21.18
C GLU C 223 -21.73 30.69 -20.18
N LYS C 224 -21.44 29.56 -19.55
CA LYS C 224 -20.27 29.49 -18.68
C LYS C 224 -18.99 29.59 -19.52
N GLY C 225 -19.16 29.72 -20.85
CA GLY C 225 -18.06 29.97 -21.78
C GLY C 225 -17.51 28.74 -22.48
N TYR C 226 -18.14 27.60 -22.25
CA TYR C 226 -17.69 26.34 -22.84
C TYR C 226 -18.09 26.22 -24.31
N GLU C 227 -17.27 25.51 -25.10
CA GLU C 227 -17.67 25.14 -26.44
C GLU C 227 -17.73 23.61 -26.52
N PHE C 228 -18.56 23.08 -27.42
CA PHE C 228 -18.80 21.64 -27.47
C PHE C 228 -18.11 20.94 -28.65
N GLU C 229 -16.91 20.45 -28.37
CA GLU C 229 -16.10 19.78 -29.37
C GLU C 229 -16.19 18.27 -29.28
N ALA C 230 -15.90 17.63 -30.41
CA ALA C 230 -15.65 16.20 -30.40
C ALA C 230 -14.19 15.99 -30.06
N TYR C 231 -13.89 14.82 -29.54
CA TYR C 231 -12.53 14.37 -29.35
C TYR C 231 -11.84 14.30 -30.70
N HIS C 232 -10.62 14.84 -30.81
CA HIS C 232 -9.83 14.62 -32.00
C HIS C 232 -8.55 13.89 -31.65
N GLU C 233 -8.22 12.87 -32.41
CA GLU C 233 -7.08 12.00 -32.11
C GLU C 233 -5.76 12.78 -32.15
N GLU C 234 -5.69 13.78 -33.03
CA GLU C 234 -4.46 14.55 -33.20
C GLU C 234 -4.27 15.52 -32.04
N SER C 235 -5.34 15.78 -31.31
CA SER C 235 -5.28 16.66 -30.16
C SER C 235 -5.42 15.90 -28.84
N HIS C 236 -5.02 14.63 -28.84
CA HIS C 236 -5.15 13.81 -27.64
C HIS C 236 -4.41 14.42 -26.47
N PHE C 237 -5.11 14.50 -25.34
CA PHE C 237 -4.48 14.82 -24.08
C PHE C 237 -5.08 13.87 -23.05
N PRO C 238 -4.29 13.48 -22.04
CA PRO C 238 -4.72 12.44 -21.07
C PRO C 238 -5.87 12.83 -20.17
N VAL C 239 -6.86 11.94 -20.07
CA VAL C 239 -7.95 12.04 -19.09
C VAL C 239 -8.27 10.63 -18.57
N ASN C 240 -7.50 10.17 -17.58
CA ASN C 240 -7.70 8.84 -17.05
C ASN C 240 -7.43 8.79 -15.52
N PHE C 241 -8.25 8.03 -14.80
CA PHE C 241 -8.21 7.96 -13.34
C PHE C 241 -6.83 7.60 -12.77
N TRP C 242 -6.05 6.88 -13.57
CA TRP C 242 -4.74 6.48 -13.21
C TRP C 242 -3.71 7.56 -13.41
N HIS C 243 -4.13 8.64 -14.04
CA HIS C 243 -3.20 9.69 -14.46
C HIS C 243 -2.08 9.06 -15.28
N ASP C 244 -2.39 7.98 -15.98
CA ASP C 244 -1.41 7.28 -16.80
C ASP C 244 -1.33 8.02 -18.13
N ASN C 245 -0.24 8.74 -18.34
CA ASN C 245 -0.14 9.65 -19.46
C ASN C 245 0.39 9.01 -20.72
N ARG C 246 0.44 7.69 -20.77
CA ARG C 246 0.81 7.06 -22.03
C ARG C 246 -0.47 6.84 -22.83
N MET C 247 -1.60 6.94 -22.13
CA MET C 247 -2.90 6.77 -22.75
C MET C 247 -3.71 8.07 -22.66
N ARG D 42 30.54 11.39 5.06
CA ARG D 42 30.24 11.08 3.68
C ARG D 42 29.05 10.13 3.59
N LYS D 43 27.95 10.64 3.03
CA LYS D 43 26.70 9.89 2.93
C LYS D 43 26.50 9.26 1.55
N VAL D 44 26.16 7.97 1.50
CA VAL D 44 25.88 7.33 0.22
C VAL D 44 24.56 6.56 0.18
N ALA D 45 23.79 6.76 -0.88
CA ALA D 45 22.52 6.06 -1.07
C ALA D 45 22.64 5.06 -2.21
N TYR D 46 22.35 3.81 -1.91
CA TYR D 46 22.38 2.76 -2.90
C TYR D 46 20.98 2.34 -3.28
N LEU D 47 20.46 2.98 -4.33
CA LEU D 47 19.23 2.53 -4.95
C LEU D 47 19.46 1.18 -5.57
N THR D 48 18.61 0.23 -5.24
CA THR D 48 18.66 -1.09 -5.82
C THR D 48 17.32 -1.39 -6.47
N PHE D 49 17.35 -2.04 -7.62
CA PHE D 49 16.13 -2.32 -8.33
C PHE D 49 16.12 -3.80 -8.64
N ASP D 50 15.00 -4.42 -8.32
CA ASP D 50 14.84 -5.85 -8.35
C ASP D 50 13.84 -6.32 -9.42
N ASP D 51 13.99 -7.58 -9.82
CA ASP D 51 13.09 -8.33 -10.72
C ASP D 51 13.11 -7.90 -12.18
N GLY D 52 14.02 -6.99 -12.55
CA GLY D 52 14.12 -6.55 -13.93
C GLY D 52 14.98 -7.48 -14.76
N PRO D 53 15.36 -7.05 -15.98
CA PRO D 53 14.88 -5.77 -16.54
C PRO D 53 13.41 -5.84 -16.93
N GLY D 54 12.79 -4.68 -17.12
CA GLY D 54 11.39 -4.62 -17.51
C GLY D 54 11.13 -3.45 -18.45
N LYS D 55 9.86 -3.17 -18.72
CA LYS D 55 9.48 -2.21 -19.75
C LYS D 55 9.57 -0.74 -19.32
N TYR D 56 9.88 -0.49 -18.05
CA TYR D 56 10.05 0.88 -17.61
C TYR D 56 11.52 1.14 -17.31
N THR D 57 12.32 0.10 -17.53
CA THR D 57 13.74 0.12 -17.18
C THR D 57 14.54 1.14 -17.98
N ALA D 58 14.22 1.23 -19.28
CA ALA D 58 14.89 2.15 -20.20
C ALA D 58 14.66 3.60 -19.79
N GLU D 59 13.41 3.89 -19.40
CA GLU D 59 13.07 5.21 -18.87
C GLU D 59 13.74 5.47 -17.51
N LEU D 60 13.87 4.43 -16.68
CA LEU D 60 14.59 4.55 -15.42
C LEU D 60 16.05 4.86 -15.71
N LEU D 61 16.64 4.15 -16.68
CA LEU D 61 18.04 4.36 -17.04
C LEU D 61 18.29 5.78 -17.48
N ASN D 62 17.33 6.40 -18.16
CA ASN D 62 17.46 7.79 -18.59
C ASN D 62 17.39 8.81 -17.45
N THR D 63 16.41 8.66 -16.59
CA THR D 63 16.27 9.51 -15.39
C THR D 63 17.49 9.47 -14.48
N LEU D 64 18.09 8.28 -14.39
CA LEU D 64 19.33 8.07 -13.63
C LEU D 64 20.45 8.89 -14.27
N LYS D 65 20.63 8.62 -15.56
CA LYS D 65 21.63 9.26 -16.41
C LYS D 65 21.53 10.80 -16.34
N GLN D 66 20.28 11.28 -16.28
CA GLN D 66 19.97 12.71 -16.23
C GLN D 66 20.32 13.42 -14.93
N HIS D 67 20.41 12.66 -13.84
CA HIS D 67 20.79 13.20 -12.54
C HIS D 67 22.19 12.78 -12.15
N ASP D 68 22.94 12.23 -13.11
CA ASP D 68 24.26 11.64 -12.87
C ASP D 68 24.23 10.75 -11.62
N ALA D 69 23.52 9.63 -11.70
CA ALA D 69 23.28 8.78 -10.56
C ALA D 69 23.51 7.30 -10.86
N LYS D 70 24.23 6.61 -9.98
CA LYS D 70 24.50 5.19 -10.21
C LYS D 70 23.73 4.34 -9.24
N ALA D 71 23.28 3.19 -9.72
CA ALA D 71 22.40 2.33 -8.97
C ALA D 71 22.77 0.87 -9.20
N THR D 72 21.95 -0.02 -8.65
CA THR D 72 22.27 -1.43 -8.67
C THR D 72 21.05 -2.17 -9.14
N PHE D 73 21.26 -3.18 -9.96
CA PHE D 73 20.14 -3.95 -10.49
C PHE D 73 20.32 -5.45 -10.23
N PHE D 74 19.28 -6.04 -9.67
CA PHE D 74 19.29 -7.46 -9.40
C PHE D 74 18.31 -8.10 -10.30
N LEU D 75 18.79 -8.98 -11.16
CA LEU D 75 17.93 -9.39 -12.28
C LEU D 75 17.44 -10.84 -12.20
N ILE D 76 16.25 -11.08 -12.72
CA ILE D 76 15.74 -12.44 -12.86
C ILE D 76 16.15 -13.00 -14.24
N GLY D 77 16.48 -14.28 -14.26
CA GLY D 77 17.00 -14.96 -15.43
C GLY D 77 16.15 -14.88 -16.68
N ALA D 78 14.84 -14.91 -16.50
CA ALA D 78 13.93 -14.84 -17.63
C ALA D 78 13.98 -13.47 -18.29
N ASN D 79 14.18 -12.43 -17.49
CA ASN D 79 14.23 -11.07 -18.03
C ASN D 79 15.57 -10.65 -18.60
N VAL D 80 16.65 -11.26 -18.12
CA VAL D 80 17.95 -11.00 -18.72
C VAL D 80 17.97 -11.57 -20.14
N LYS D 81 17.32 -12.72 -20.33
CA LYS D 81 17.18 -13.36 -21.63
C LYS D 81 16.37 -12.55 -22.63
N GLU D 82 15.32 -11.91 -22.13
CA GLU D 82 14.41 -11.24 -23.04
C GLU D 82 14.74 -9.76 -23.20
N PHE D 83 15.46 -9.17 -22.27
CA PHE D 83 15.89 -7.77 -22.44
C PHE D 83 17.41 -7.62 -22.39
N PRO D 84 18.14 -8.42 -23.20
CA PRO D 84 19.61 -8.43 -23.11
C PRO D 84 20.26 -7.05 -23.30
N ASP D 85 19.68 -6.25 -24.19
CA ASP D 85 20.16 -4.90 -24.46
C ASP D 85 20.13 -4.04 -23.22
N LEU D 86 18.99 -4.11 -22.51
CA LEU D 86 18.80 -3.36 -21.26
C LEU D 86 19.85 -3.74 -20.23
N VAL D 87 20.14 -5.03 -20.13
CA VAL D 87 21.24 -5.49 -19.28
C VAL D 87 22.57 -4.82 -19.67
N LYS D 88 22.93 -4.84 -20.97
CA LYS D 88 24.21 -4.28 -21.38
C LYS D 88 24.24 -2.80 -21.12
N ARG D 89 23.13 -2.13 -21.35
CA ARG D 89 23.03 -0.71 -21.10
C ARG D 89 23.22 -0.37 -19.61
N GLU D 90 22.58 -1.14 -18.71
CA GLU D 90 22.76 -0.94 -17.26
C GLU D 90 24.24 -0.93 -16.89
N ASN D 91 24.92 -1.98 -17.30
CA ASN D 91 26.35 -2.09 -17.11
C ASN D 91 27.13 -1.00 -17.84
N ALA D 92 26.77 -0.76 -19.10
CA ALA D 92 27.47 0.23 -19.90
C ALA D 92 27.35 1.62 -19.29
N GLU D 93 26.27 1.87 -18.56
CA GLU D 93 26.08 3.21 -17.99
C GLU D 93 26.52 3.35 -16.52
N GLY D 94 27.36 2.43 -16.06
CA GLY D 94 28.00 2.55 -14.75
C GLY D 94 27.22 1.96 -13.57
N HIS D 95 26.19 1.19 -13.85
CA HIS D 95 25.48 0.58 -12.77
C HIS D 95 26.03 -0.81 -12.48
N TYR D 96 25.77 -1.28 -11.25
CA TYR D 96 26.07 -2.65 -10.87
C TYR D 96 24.94 -3.53 -11.33
N VAL D 97 25.30 -4.70 -11.84
CA VAL D 97 24.31 -5.66 -12.32
C VAL D 97 24.48 -6.94 -11.53
N GLY D 98 23.58 -7.16 -10.59
CA GLY D 98 23.67 -8.34 -9.74
C GLY D 98 22.57 -9.34 -10.05
N MET D 99 22.55 -10.45 -9.30
CA MET D 99 21.56 -11.50 -9.55
C MET D 99 20.35 -11.48 -8.58
N HIS D 100 19.21 -11.99 -9.06
CA HIS D 100 17.98 -12.08 -8.30
C HIS D 100 17.27 -13.39 -8.66
N SER D 101 18.09 -14.37 -9.08
CA SER D 101 17.71 -15.76 -9.33
C SER D 101 17.05 -15.96 -10.69
N MET D 102 16.64 -17.21 -10.91
CA MET D 102 15.96 -17.63 -12.11
C MET D 102 14.45 -17.68 -11.91
N THR D 103 14.01 -18.37 -10.86
CA THR D 103 12.58 -18.64 -10.69
C THR D 103 11.86 -17.66 -9.78
N HIS D 104 12.58 -16.96 -8.91
CA HIS D 104 11.96 -16.12 -7.88
C HIS D 104 10.92 -16.92 -7.08
N ASN D 105 11.20 -18.21 -6.92
CA ASN D 105 10.30 -19.13 -6.22
C ASN D 105 10.87 -19.56 -4.85
N PHE D 106 10.15 -19.23 -3.78
CA PHE D 106 10.64 -19.42 -2.41
C PHE D 106 10.93 -20.88 -2.11
N ALA D 107 10.01 -21.75 -2.50
CA ALA D 107 10.13 -23.15 -2.16
C ALA D 107 11.30 -23.79 -2.89
N LYS D 108 11.46 -23.46 -4.17
CA LYS D 108 12.61 -23.99 -4.92
C LYS D 108 13.93 -23.41 -4.42
N LEU D 109 13.98 -22.10 -4.21
CA LEU D 109 15.20 -21.44 -3.74
C LEU D 109 15.66 -21.92 -2.35
N TYR D 110 14.75 -21.87 -1.38
CA TYR D 110 15.12 -22.05 0.03
C TYR D 110 14.75 -23.42 0.61
N LYS D 111 13.55 -23.92 0.36
CA LYS D 111 13.16 -25.22 0.91
C LYS D 111 13.88 -26.37 0.24
N ASN D 112 14.03 -26.26 -1.09
CA ASN D 112 14.74 -27.27 -1.86
C ASN D 112 16.21 -26.93 -2.12
N GLY D 113 16.65 -25.77 -1.62
CA GLY D 113 18.06 -25.42 -1.62
C GLY D 113 18.68 -25.10 -2.98
N GLU D 114 17.89 -24.53 -3.89
CA GLU D 114 18.34 -24.27 -5.25
C GLU D 114 18.96 -22.87 -5.38
N TYR D 115 19.03 -22.15 -4.27
CA TYR D 115 19.51 -20.76 -4.29
C TYR D 115 20.81 -20.53 -5.05
N VAL D 116 21.86 -21.25 -4.67
CA VAL D 116 23.20 -21.01 -5.19
C VAL D 116 23.26 -21.40 -6.69
N ASN D 117 22.59 -22.51 -7.02
CA ASN D 117 22.40 -22.95 -8.40
C ASN D 117 21.74 -21.93 -9.27
N GLU D 118 20.65 -21.36 -8.78
CA GLU D 118 19.93 -20.35 -9.54
C GLU D 118 20.72 -19.05 -9.65
N MET D 119 21.50 -18.73 -8.62
CA MET D 119 22.28 -17.51 -8.69
C MET D 119 23.47 -17.70 -9.65
N LYS D 120 23.91 -18.94 -9.80
CA LYS D 120 25.07 -19.26 -10.62
C LYS D 120 24.67 -19.24 -12.07
N GLU D 121 23.52 -19.86 -12.35
CA GLU D 121 22.92 -19.85 -13.67
C GLU D 121 22.58 -18.44 -14.10
N ASP D 122 22.12 -17.64 -13.17
CA ASP D 122 21.77 -16.28 -13.51
C ASP D 122 23.05 -15.50 -13.82
N GLN D 123 24.09 -15.81 -13.05
CA GLN D 123 25.39 -15.18 -13.23
C GLN D 123 25.98 -15.44 -14.63
N GLY D 124 25.81 -16.69 -15.09
CA GLY D 124 26.31 -17.10 -16.37
C GLY D 124 25.65 -16.28 -17.45
N LEU D 125 24.32 -16.22 -17.40
CA LEU D 125 23.56 -15.46 -18.37
C LEU D 125 23.99 -14.00 -18.46
N ILE D 126 24.16 -13.36 -17.32
CA ILE D 126 24.56 -11.95 -17.32
C ILE D 126 25.95 -11.72 -17.94
N ALA D 127 26.87 -12.66 -17.70
CA ALA D 127 28.26 -12.52 -18.14
C ALA D 127 28.44 -12.65 -19.67
N ASN D 128 27.68 -13.58 -20.26
CA ASN D 128 27.57 -13.71 -21.70
C ASN D 128 27.12 -12.42 -22.38
N ILE D 129 26.57 -11.51 -21.59
CA ILE D 129 26.11 -10.22 -22.07
C ILE D 129 27.11 -9.11 -21.74
N ILE D 130 27.59 -9.06 -20.50
CA ILE D 130 28.46 -7.95 -20.09
C ILE D 130 29.94 -8.33 -19.84
N GLY D 131 30.26 -9.61 -19.93
CA GLY D 131 31.64 -10.02 -19.91
C GLY D 131 32.36 -9.97 -18.56
N LYS D 132 31.60 -9.93 -17.46
CA LYS D 132 32.16 -10.12 -16.11
C LYS D 132 31.16 -10.91 -15.28
N SER D 133 31.65 -11.70 -14.35
CA SER D 133 30.73 -12.52 -13.56
C SER D 133 30.53 -11.92 -12.17
N PRO D 134 29.39 -11.22 -11.97
CA PRO D 134 29.11 -10.50 -10.73
C PRO D 134 29.00 -11.47 -9.55
N LYS D 135 29.29 -11.00 -8.35
CA LYS D 135 29.28 -11.91 -7.21
C LYS D 135 28.11 -11.62 -6.29
N LEU D 136 27.56 -10.40 -6.36
CA LEU D 136 26.50 -9.98 -5.45
C LEU D 136 25.12 -10.47 -5.88
N THR D 137 24.43 -11.10 -4.93
CA THR D 137 23.06 -11.56 -5.10
C THR D 137 22.12 -10.84 -4.14
N ARG D 138 20.87 -10.71 -4.55
CA ARG D 138 19.81 -10.16 -3.73
C ARG D 138 18.71 -11.19 -3.69
N PRO D 139 18.43 -11.71 -2.49
CA PRO D 139 17.46 -12.80 -2.27
C PRO D 139 16.04 -12.38 -2.56
N PRO D 140 15.34 -13.16 -3.40
CA PRO D 140 13.90 -12.99 -3.52
C PRO D 140 13.27 -13.19 -2.14
N TYR D 141 12.41 -12.24 -1.76
CA TYR D 141 11.68 -12.22 -0.47
C TYR D 141 12.60 -11.96 0.72
N GLY D 142 13.79 -11.43 0.43
CA GLY D 142 14.84 -11.19 1.41
C GLY D 142 15.49 -12.48 1.88
N SER D 143 16.56 -12.37 2.65
CA SER D 143 17.22 -13.58 3.13
C SER D 143 16.56 -14.17 4.36
N MET D 144 15.78 -13.38 5.08
CA MET D 144 15.13 -13.85 6.30
C MET D 144 13.68 -14.22 6.07
N PRO D 145 13.28 -15.46 6.42
CA PRO D 145 14.06 -16.54 7.04
C PRO D 145 14.62 -17.54 6.03
N GLY D 146 14.44 -17.28 4.73
CA GLY D 146 14.76 -18.25 3.72
C GLY D 146 16.19 -18.79 3.63
N LEU D 147 17.18 -17.93 3.78
CA LEU D 147 18.56 -18.35 3.57
C LEU D 147 19.12 -18.90 4.86
N ASN D 148 18.87 -20.18 5.09
CA ASN D 148 19.27 -20.83 6.33
C ASN D 148 20.79 -21.01 6.32
N GLU D 149 21.36 -21.47 7.43
CA GLU D 149 22.82 -21.50 7.55
C GLU D 149 23.49 -22.40 6.51
N GLY D 150 22.83 -23.49 6.14
CA GLY D 150 23.35 -24.37 5.12
C GLY D 150 23.50 -23.61 3.82
N LEU D 151 22.43 -22.95 3.39
CA LEU D 151 22.49 -22.18 2.16
C LEU D 151 23.42 -21.01 2.29
N ARG D 152 23.45 -20.39 3.47
CA ARG D 152 24.39 -19.30 3.66
C ARG D 152 25.84 -19.79 3.60
N ASN D 153 26.07 -21.03 4.03
CA ASN D 153 27.40 -21.58 3.96
C ASN D 153 27.78 -21.82 2.51
N LYS D 154 26.86 -22.42 1.75
CA LYS D 154 27.11 -22.67 0.34
C LYS D 154 27.29 -21.38 -0.46
N VAL D 155 26.56 -20.34 -0.09
CA VAL D 155 26.76 -19.02 -0.70
C VAL D 155 28.19 -18.55 -0.49
N VAL D 156 28.68 -18.77 0.72
CA VAL D 156 30.02 -18.36 1.10
C VAL D 156 31.08 -19.23 0.38
N GLU D 157 30.76 -20.52 0.22
CA GLU D 157 31.68 -21.46 -0.41
C GLU D 157 31.71 -21.27 -1.94
N GLY D 158 30.65 -20.66 -2.49
CA GLY D 158 30.58 -20.40 -3.92
C GLY D 158 31.16 -19.06 -4.37
N GLY D 159 31.57 -18.23 -3.41
CA GLY D 159 32.14 -16.94 -3.75
C GLY D 159 31.15 -15.80 -3.88
N PHE D 160 29.89 -16.07 -3.59
CA PHE D 160 28.86 -15.05 -3.75
C PHE D 160 28.75 -14.15 -2.53
N LYS D 161 28.34 -12.90 -2.78
CA LYS D 161 27.93 -12.01 -1.71
C LYS D 161 26.39 -11.89 -1.65
N VAL D 162 25.86 -11.40 -0.53
CA VAL D 162 24.40 -11.29 -0.40
C VAL D 162 24.03 -9.91 0.11
N TRP D 163 23.16 -9.22 -0.62
CA TRP D 163 22.58 -8.02 -0.05
C TRP D 163 21.07 -8.07 0.17
N ASP D 164 20.67 -7.74 1.41
CA ASP D 164 19.28 -7.41 1.70
C ASP D 164 19.19 -5.89 1.58
N TRP D 165 18.40 -5.24 2.44
CA TRP D 165 18.28 -3.78 2.35
C TRP D 165 18.06 -3.19 3.70
N THR D 166 18.25 -1.88 3.83
CA THR D 166 17.96 -1.16 5.06
C THR D 166 16.74 -0.26 4.94
N ILE D 167 16.20 -0.10 3.74
CA ILE D 167 14.95 0.65 3.56
C ILE D 167 14.06 -0.07 2.58
N ASP D 168 12.83 -0.37 2.99
CA ASP D 168 11.87 -0.95 2.07
C ASP D 168 10.91 0.14 1.56
N SER D 169 11.09 0.54 0.30
CA SER D 169 10.23 1.55 -0.33
C SER D 169 8.78 1.12 -0.39
N LEU D 170 8.57 -0.20 -0.35
CA LEU D 170 7.24 -0.82 -0.45
C LEU D 170 6.56 -0.44 -1.76
N ASP D 171 7.36 -0.15 -2.77
CA ASP D 171 6.84 0.50 -3.94
C ASP D 171 5.83 -0.35 -4.72
N TRP D 172 6.00 -1.66 -4.67
CA TRP D 172 5.17 -2.58 -5.44
C TRP D 172 3.76 -2.73 -4.91
N ARG D 173 3.58 -2.35 -3.67
CA ARG D 173 2.29 -2.46 -3.03
C ARG D 173 1.35 -1.36 -3.53
N TYR D 174 1.90 -0.28 -4.08
CA TYR D 174 1.12 0.88 -4.50
C TYR D 174 0.57 0.81 -5.94
N ASN D 175 0.07 -0.36 -6.32
CA ASN D 175 -0.54 -0.60 -7.62
C ASN D 175 -2.08 -0.37 -7.76
N LYS D 176 -2.73 0.36 -6.86
CA LYS D 176 -4.20 0.55 -6.95
C LYS D 176 -4.66 1.99 -6.84
N MET D 177 -3.75 2.93 -7.04
CA MET D 177 -4.07 4.35 -7.04
C MET D 177 -3.46 5.07 -8.26
N PRO D 178 -3.85 6.33 -8.51
CA PRO D 178 -3.16 7.15 -9.54
C PRO D 178 -1.63 7.08 -9.44
N VAL D 179 -0.92 6.91 -10.57
CA VAL D 179 0.52 6.62 -10.57
C VAL D 179 1.35 7.73 -9.93
N ASP D 180 0.93 8.98 -10.11
CA ASP D 180 1.64 10.12 -9.56
C ASP D 180 1.48 10.18 -8.03
N ALA D 181 0.27 9.89 -7.55
CA ALA D 181 -0.06 9.81 -6.13
C ALA D 181 0.74 8.71 -5.47
N ALA D 182 0.71 7.52 -6.07
CA ALA D 182 1.51 6.38 -5.63
C ALA D 182 2.99 6.74 -5.54
N ALA D 183 3.52 7.38 -6.59
CA ALA D 183 4.94 7.69 -6.63
C ALA D 183 5.33 8.66 -5.50
N ALA D 184 4.42 9.58 -5.20
CA ALA D 184 4.68 10.60 -4.18
C ALA D 184 4.78 9.98 -2.77
N GLN D 185 3.91 9.01 -2.51
CA GLN D 185 3.91 8.30 -1.23
C GLN D 185 5.15 7.40 -1.14
N ILE D 186 5.46 6.70 -2.24
CA ILE D 186 6.67 5.88 -2.30
C ILE D 186 7.92 6.76 -2.11
N ALA D 187 7.90 7.97 -2.65
CA ALA D 187 9.01 8.90 -2.42
C ALA D 187 9.13 9.21 -0.95
N GLN D 188 7.97 9.42 -0.33
CA GLN D 188 7.90 9.84 1.07
C GLN D 188 8.41 8.73 1.98
N ASN D 189 8.00 7.51 1.66
CA ASN D 189 8.49 6.35 2.36
C ASN D 189 10.01 6.32 2.46
N VAL D 190 10.66 6.55 1.33
CA VAL D 190 12.10 6.50 1.26
C VAL D 190 12.75 7.72 1.91
N LEU D 191 12.22 8.90 1.64
CA LEU D 191 12.85 10.11 2.12
C LEU D 191 12.85 10.17 3.65
N THR D 192 11.74 9.76 4.25
CA THR D 192 11.57 9.84 5.71
C THR D 192 12.36 8.78 6.50
N ASN D 193 12.86 7.75 5.81
CA ASN D 193 13.62 6.68 6.44
C ASN D 193 15.12 6.74 6.18
N ALA D 194 15.56 7.76 5.46
CA ALA D 194 16.98 7.94 5.21
C ALA D 194 17.59 8.71 6.34
N THR D 195 18.34 8.00 7.19
CA THR D 195 18.88 8.56 8.42
C THR D 195 20.36 8.21 8.59
N LYS D 196 20.79 7.07 8.05
CA LYS D 196 22.16 6.57 8.26
C LYS D 196 23.04 6.90 7.06
N PRO D 197 24.37 7.08 7.29
CA PRO D 197 25.33 7.49 6.24
C PRO D 197 25.26 6.62 5.01
N GLN D 198 25.04 5.32 5.21
CA GLN D 198 24.73 4.42 4.10
C GLN D 198 23.28 3.97 4.25
N GLU D 199 22.59 3.92 3.11
CA GLU D 199 21.23 3.40 3.03
C GLU D 199 21.14 2.58 1.78
N VAL D 200 20.59 1.38 1.90
CA VAL D 200 20.35 0.53 0.75
C VAL D 200 18.82 0.40 0.55
N ILE D 201 18.33 1.14 -0.43
CA ILE D 201 16.92 1.28 -0.71
C ILE D 201 16.44 0.19 -1.65
N LEU D 202 15.35 -0.49 -1.27
CA LEU D 202 14.82 -1.58 -2.08
C LEU D 202 13.72 -1.06 -2.98
N MET D 203 13.91 -1.15 -4.29
CA MET D 203 12.84 -0.81 -5.24
C MET D 203 12.68 -1.85 -6.32
N HIS D 204 11.74 -1.60 -7.23
CA HIS D 204 11.36 -2.51 -8.30
C HIS D 204 11.12 -1.74 -9.59
N ASP D 205 11.99 -1.92 -10.58
CA ASP D 205 11.87 -1.16 -11.84
C ASP D 205 10.89 -1.80 -12.82
N ILE D 206 10.17 -2.80 -12.35
CA ILE D 206 9.16 -3.46 -13.13
C ILE D 206 7.72 -2.96 -12.86
N HIS D 207 7.59 -1.84 -12.13
CA HIS D 207 6.31 -1.19 -11.83
C HIS D 207 6.34 0.27 -12.22
N PRO D 208 5.28 0.77 -12.88
CA PRO D 208 5.27 2.19 -13.27
C PRO D 208 5.37 3.17 -12.10
N GLN D 209 4.69 2.90 -10.97
CA GLN D 209 4.67 3.87 -9.88
C GLN D 209 6.07 3.98 -9.24
N SER D 210 6.86 2.93 -9.37
CA SER D 210 8.21 2.89 -8.85
C SER D 210 9.18 3.81 -9.58
N VAL D 211 9.28 3.66 -10.89
CA VAL D 211 10.19 4.48 -11.68
C VAL D 211 9.78 5.95 -11.58
N ALA D 212 8.48 6.20 -11.44
CA ALA D 212 7.96 7.57 -11.28
C ALA D 212 8.36 8.20 -9.94
N ALA D 213 8.62 7.37 -8.93
CA ALA D 213 8.99 7.86 -7.60
C ALA D 213 10.43 8.36 -7.55
N VAL D 214 11.26 7.77 -8.41
CA VAL D 214 12.71 7.95 -8.42
C VAL D 214 13.15 9.42 -8.59
N PRO D 215 12.50 10.17 -9.49
CA PRO D 215 12.93 11.57 -9.51
C PRO D 215 12.85 12.29 -8.15
N ALA D 216 11.73 12.16 -7.43
CA ALA D 216 11.57 12.80 -6.13
C ALA D 216 12.51 12.22 -5.06
N ILE D 217 12.77 10.92 -5.13
CA ILE D 217 13.75 10.30 -4.25
C ILE D 217 15.13 10.87 -4.51
N LEU D 218 15.50 10.92 -5.79
CA LEU D 218 16.81 11.39 -6.23
C LEU D 218 17.07 12.83 -5.81
N LYS D 219 16.00 13.60 -5.67
CA LYS D 219 16.13 15.01 -5.37
C LYS D 219 16.03 15.31 -3.90
N GLY D 220 15.25 14.50 -3.19
CA GLY D 220 15.19 14.61 -1.75
C GLY D 220 16.43 14.12 -1.06
N LEU D 221 16.94 12.97 -1.49
CA LEU D 221 18.10 12.39 -0.84
C LEU D 221 19.35 13.22 -1.13
N LYS D 222 19.45 13.74 -2.35
CA LYS D 222 20.61 14.55 -2.67
C LYS D 222 20.55 15.82 -1.81
N GLU D 223 19.32 16.23 -1.50
CA GLU D 223 19.11 17.43 -0.68
C GLU D 223 19.43 17.10 0.77
N LYS D 224 19.17 15.86 1.17
CA LYS D 224 19.55 15.38 2.50
C LYS D 224 21.04 15.07 2.58
N GLY D 225 21.75 15.23 1.46
CA GLY D 225 23.19 15.09 1.42
C GLY D 225 23.76 13.75 0.95
N TYR D 226 22.90 12.85 0.49
CA TYR D 226 23.34 11.54 0.00
C TYR D 226 23.94 11.63 -1.41
N GLU D 227 24.83 10.69 -1.75
CA GLU D 227 25.29 10.53 -3.12
C GLU D 227 24.78 9.17 -3.65
N PHE D 228 24.57 9.06 -4.94
CA PHE D 228 23.98 7.82 -5.48
C PHE D 228 24.97 6.97 -6.25
N GLU D 229 25.60 6.07 -5.53
CA GLU D 229 26.60 5.19 -6.08
C GLU D 229 26.02 3.83 -6.39
N ALA D 230 26.66 3.12 -7.30
CA ALA D 230 26.39 1.71 -7.46
C ALA D 230 27.23 0.90 -6.46
N TYR D 231 26.81 -0.32 -6.19
CA TYR D 231 27.61 -1.26 -5.45
C TYR D 231 28.93 -1.52 -6.19
N HIS D 232 30.05 -1.41 -5.47
CA HIS D 232 31.33 -1.81 -6.02
CA HIS D 232 31.35 -1.79 -6.01
C HIS D 232 31.79 -3.05 -5.27
N GLU D 233 32.18 -4.07 -6.02
CA GLU D 233 32.64 -5.31 -5.42
C GLU D 233 33.88 -5.23 -4.54
N GLU D 234 34.82 -4.38 -4.89
CA GLU D 234 36.05 -4.27 -4.11
CA GLU D 234 36.05 -4.27 -4.11
C GLU D 234 35.77 -3.55 -2.79
N SER D 235 34.66 -2.81 -2.75
CA SER D 235 34.33 -1.99 -1.60
C SER D 235 33.21 -2.63 -0.78
N HIS D 236 33.05 -3.94 -0.90
CA HIS D 236 31.96 -4.64 -0.29
C HIS D 236 31.91 -4.45 1.21
N PHE D 237 30.72 -4.16 1.73
CA PHE D 237 30.43 -4.17 3.14
C PHE D 237 29.10 -4.91 3.37
N PRO D 238 28.99 -5.62 4.51
CA PRO D 238 27.85 -6.51 4.76
C PRO D 238 26.52 -5.78 4.98
N VAL D 239 25.46 -6.27 4.33
CA VAL D 239 24.09 -5.80 4.54
C VAL D 239 23.10 -6.97 4.39
N ASN D 240 22.90 -7.72 5.47
CA ASN D 240 21.98 -8.85 5.44
C ASN D 240 21.29 -9.07 6.79
N PHE D 241 20.04 -9.49 6.72
CA PHE D 241 19.20 -9.68 7.90
C PHE D 241 19.78 -10.63 8.96
N TRP D 242 20.65 -11.56 8.54
CA TRP D 242 21.26 -12.54 9.43
C TRP D 242 22.47 -12.00 10.18
N HIS D 243 22.86 -10.76 9.87
CA HIS D 243 24.06 -10.16 10.45
C HIS D 243 25.30 -11.03 10.23
N ASP D 244 25.30 -11.81 9.15
CA ASP D 244 26.42 -12.66 8.77
C ASP D 244 27.43 -11.88 7.93
N ASN D 245 28.59 -11.54 8.50
CA ASN D 245 29.50 -10.66 7.78
C ASN D 245 30.47 -11.42 6.89
N ARG D 246 30.14 -12.68 6.60
CA ARG D 246 30.86 -13.44 5.60
C ARG D 246 30.22 -13.18 4.22
N MET D 247 29.04 -12.57 4.21
CA MET D 247 28.30 -12.27 3.00
C MET D 247 28.27 -10.78 2.74
#